data_3K2I
#
_entry.id   3K2I
#
_cell.length_a   72.470
_cell.length_b   93.000
_cell.length_c   133.720
_cell.angle_alpha   90.00
_cell.angle_beta   90.00
_cell.angle_gamma   90.00
#
_symmetry.space_group_name_H-M   'P 21 21 21'
#
loop_
_entity.id
_entity.type
_entity.pdbx_description
1 polymer 'Acyl-coenzyme A thioesterase 4'
2 non-polymer 'NICKEL (II) ION'
3 non-polymer 'CHLORIDE ION'
4 water water
#
_entity_poly.entity_id   1
_entity_poly.type   'polypeptide(L)'
_entity_poly.pdbx_seq_one_letter_code
;SMSATLILEPPGRCCWNEPVRIAVRGLAPEQRVTLRASLRDEKGALFRAHARYCADACGELDLERAPALGGSFAGLEPMG
LLWALEPEKPFWRFLKRDVQIPFVVELEVLDGHDPEPGRLLCQAQHERHFLPPGVWRQSVRAGRVRATLFLPPGPGPFPG
IIDIFGIGGGLLEYRASLLAGHGFATLALAYYNFEDLPNNMDNISLEYFEEAVCYMLQHPQVKGPGIGLLGISLGADICL
SMASFLKNVSATVSINGSGISGNTAINYKHSSIPPLGYDLRRIKVAFSGLVDIVDIRNALVGGYKNPSMIPIEKAQGPIL
LIVGQDDHNWRSELYAQTVSERLQAHGKEKPQIICYPGTGHYIEPPYFPLCPASLHRLLNKHVIWGGEPRAHSKAQEDAW
KQILAFFCKHLGGTQKTAVPKL
;
_entity_poly.pdbx_strand_id   A,B
#
# COMPACT_ATOMS: atom_id res chain seq x y z
N ALA A 4 33.14 -5.05 22.85
CA ALA A 4 31.92 -4.48 22.21
C ALA A 4 31.94 -4.77 20.72
N THR A 5 31.26 -5.84 20.29
CA THR A 5 31.50 -6.36 18.91
C THR A 5 30.28 -6.78 18.04
N LEU A 6 30.45 -6.63 16.73
CA LEU A 6 29.39 -6.81 15.73
C LEU A 6 29.57 -8.13 14.93
N ILE A 7 28.56 -8.97 14.95
CA ILE A 7 28.69 -10.32 14.39
C ILE A 7 27.71 -10.58 13.22
N LEU A 8 28.22 -11.11 12.11
CA LEU A 8 27.43 -11.40 10.92
C LEU A 8 27.56 -12.87 10.58
N GLU A 9 26.48 -13.64 10.73
CA GLU A 9 26.51 -15.09 10.51
C GLU A 9 25.41 -15.61 9.57
N PRO A 10 25.72 -16.64 8.74
CA PRO A 10 27.03 -17.29 8.57
C PRO A 10 27.86 -16.63 7.46
N CYS A 14 29.00 -14.25 0.67
CA CYS A 14 27.52 -14.26 0.79
C CYS A 14 26.85 -13.20 -0.10
N CYS A 15 25.67 -13.54 -0.60
CA CYS A 15 25.07 -12.84 -1.75
C CYS A 15 23.98 -11.91 -1.23
N TRP A 16 23.69 -10.86 -2.01
CA TRP A 16 22.71 -9.85 -1.58
C TRP A 16 21.37 -10.44 -1.19
N ASN A 17 20.90 -11.43 -1.96
CA ASN A 17 19.62 -12.04 -1.72
C ASN A 17 19.57 -13.07 -0.60
N GLU A 18 20.60 -13.20 0.21
CA GLU A 18 20.62 -14.24 1.27
C GLU A 18 20.44 -13.61 2.65
N PRO A 19 19.51 -14.16 3.46
CA PRO A 19 19.33 -13.61 4.82
C PRO A 19 20.57 -13.82 5.66
N VAL A 20 20.86 -12.84 6.51
CA VAL A 20 21.94 -12.92 7.44
C VAL A 20 21.46 -12.51 8.81
N ARG A 21 22.21 -12.99 9.80
CA ARG A 21 21.94 -12.75 11.21
C ARG A 21 22.95 -11.75 11.70
N ILE A 22 22.45 -10.59 12.12
CA ILE A 22 23.26 -9.50 12.65
C ILE A 22 23.13 -9.61 14.16
N ALA A 23 24.26 -9.49 14.87
CA ALA A 23 24.31 -9.65 16.31
C ALA A 23 25.35 -8.73 16.90
N VAL A 24 25.10 -8.28 18.12
CA VAL A 24 26.05 -7.45 18.83
C VAL A 24 26.23 -8.03 20.23
N ARG A 25 27.49 -8.23 20.64
CA ARG A 25 27.86 -8.65 22.01
C ARG A 25 28.62 -7.49 22.61
N GLY A 26 28.80 -7.53 23.93
CA GLY A 26 29.65 -6.55 24.64
C GLY A 26 29.05 -5.17 24.90
N LEU A 27 27.72 -5.08 25.00
CA LEU A 27 27.04 -3.80 25.25
C LEU A 27 26.77 -3.73 26.74
N ALA A 28 26.39 -2.56 27.26
CA ALA A 28 25.86 -2.49 28.63
C ALA A 28 24.56 -3.28 28.73
N PRO A 29 24.16 -3.70 29.93
CA PRO A 29 22.88 -4.39 29.98
C PRO A 29 21.75 -3.43 29.64
N GLU A 30 20.90 -3.81 28.68
CA GLU A 30 19.77 -3.00 28.25
C GLU A 30 20.19 -1.65 27.70
N GLN A 31 21.36 -1.58 27.08
CA GLN A 31 21.83 -0.31 26.53
C GLN A 31 20.97 0.08 25.32
N ARG A 32 20.74 1.38 25.18
CA ARG A 32 20.05 1.92 24.04
C ARG A 32 21.07 2.19 22.94
N VAL A 33 20.92 1.54 21.79
CA VAL A 33 21.82 1.77 20.67
C VAL A 33 21.05 2.04 19.36
N THR A 34 21.71 2.78 18.47
CA THR A 34 21.32 2.92 17.09
C THR A 34 22.25 2.10 16.24
N LEU A 35 21.70 1.30 15.33
CA LEU A 35 22.50 0.66 14.27
C LEU A 35 22.25 1.39 12.97
N ARG A 36 23.31 1.50 12.18
CA ARG A 36 23.27 2.22 10.94
C ARG A 36 24.02 1.39 9.89
N ALA A 37 23.50 1.40 8.68
CA ALA A 37 24.04 0.64 7.55
C ALA A 37 24.18 1.62 6.41
N SER A 38 25.23 1.46 5.62
N SER A 38 25.24 1.47 5.64
CA SER A 38 25.52 2.41 4.58
CA SER A 38 25.58 2.42 4.60
C SER A 38 26.32 1.75 3.45
C SER A 38 26.30 1.73 3.45
N LEU A 39 26.14 2.27 2.24
CA LEU A 39 26.88 1.78 1.08
C LEU A 39 26.89 2.85 -0.03
N ARG A 40 27.96 2.88 -0.79
CA ARG A 40 28.01 3.72 -1.98
C ARG A 40 27.82 2.82 -3.16
N ASP A 41 26.92 3.17 -4.07
CA ASP A 41 26.68 2.29 -5.22
C ASP A 41 27.79 2.48 -6.29
N GLU A 42 27.57 2.03 -7.53
CA GLU A 42 28.65 2.05 -8.56
C GLU A 42 28.98 3.43 -9.12
N LYS A 43 28.08 4.41 -8.95
CA LYS A 43 28.31 5.76 -9.38
C LYS A 43 28.55 6.65 -8.17
N GLY A 44 28.89 6.04 -7.03
CA GLY A 44 29.20 6.83 -5.84
C GLY A 44 27.99 7.33 -5.03
N ALA A 45 26.77 6.98 -5.42
CA ALA A 45 25.62 7.47 -4.65
C ALA A 45 25.46 6.70 -3.32
N LEU A 46 25.19 7.43 -2.26
CA LEU A 46 25.06 6.88 -0.91
C LEU A 46 23.65 6.33 -0.59
N PHE A 47 23.63 5.17 0.05
CA PHE A 47 22.42 4.49 0.53
C PHE A 47 22.57 4.29 2.02
N ARG A 48 21.56 4.57 2.80
N ARG A 48 21.53 4.55 2.78
CA ARG A 48 21.65 4.39 4.25
CA ARG A 48 21.59 4.47 4.25
C ARG A 48 20.31 4.04 4.90
C ARG A 48 20.30 3.93 4.85
N ALA A 49 20.41 3.44 6.09
CA ALA A 49 19.28 3.00 6.89
C ALA A 49 19.74 2.91 8.31
N HIS A 50 18.81 3.05 9.24
CA HIS A 50 19.16 2.95 10.64
C HIS A 50 17.96 2.45 11.42
N ALA A 51 18.24 2.02 12.64
CA ALA A 51 17.21 1.54 13.53
C ALA A 51 17.67 1.57 14.98
N ARG A 52 16.72 1.80 15.89
CA ARG A 52 17.05 1.93 17.29
C ARG A 52 16.69 0.71 18.05
N TYR A 53 17.57 0.30 18.96
CA TYR A 53 17.33 -0.89 19.73
C TYR A 53 17.73 -0.78 21.22
N CYS A 54 17.31 -1.81 21.96
CA CYS A 54 17.79 -2.05 23.31
C CYS A 54 18.45 -3.43 23.42
N ALA A 55 19.70 -3.46 23.92
CA ALA A 55 20.33 -4.72 24.31
C ALA A 55 19.51 -5.43 25.39
N ASP A 56 19.70 -6.75 25.46
CA ASP A 56 19.10 -7.58 26.52
C ASP A 56 19.91 -7.48 27.85
N ALA A 57 19.61 -8.35 28.81
CA ALA A 57 20.30 -8.32 30.13
C ALA A 57 21.78 -8.73 30.09
N CYS A 58 22.15 -9.64 29.18
CA CYS A 58 23.58 -9.98 28.99
C CYS A 58 24.37 -8.95 28.15
N GLY A 59 23.78 -7.79 27.86
CA GLY A 59 24.37 -6.79 26.96
C GLY A 59 24.56 -7.30 25.53
N GLU A 60 23.66 -8.18 25.11
CA GLU A 60 23.62 -8.71 23.75
C GLU A 60 22.39 -8.21 22.96
N LEU A 61 22.57 -8.09 21.64
CA LEU A 61 21.51 -7.68 20.73
C LEU A 61 21.51 -8.66 19.60
N ASP A 62 20.36 -9.25 19.32
CA ASP A 62 20.20 -10.15 18.21
C ASP A 62 19.07 -9.73 17.28
N LEU A 63 19.41 -9.29 16.09
CA LEU A 63 18.40 -8.73 15.16
C LEU A 63 17.29 -9.68 14.73
N GLU A 64 17.49 -10.97 14.87
CA GLU A 64 16.43 -11.96 14.60
C GLU A 64 15.44 -12.19 15.75
N ARG A 65 15.71 -11.58 16.89
CA ARG A 65 14.82 -11.72 18.04
C ARG A 65 14.40 -10.39 18.63
N ALA A 66 15.22 -9.35 18.51
CA ALA A 66 14.93 -8.06 19.09
C ALA A 66 14.31 -7.13 18.04
N PRO A 67 13.16 -6.52 18.34
CA PRO A 67 12.57 -5.59 17.38
C PRO A 67 13.17 -4.20 17.34
N ALA A 68 13.22 -3.60 16.17
CA ALA A 68 13.60 -2.19 16.03
C ALA A 68 12.47 -1.38 16.65
N LEU A 69 12.82 -0.35 17.41
CA LEU A 69 11.86 0.46 18.13
C LEU A 69 11.48 1.67 17.29
N GLY A 70 12.22 1.85 16.17
CA GLY A 70 12.11 3.03 15.34
C GLY A 70 13.33 3.11 14.44
N GLY A 71 13.28 4.10 13.54
CA GLY A 71 14.27 4.29 12.49
C GLY A 71 13.64 4.27 11.09
N SER A 72 14.45 3.80 10.14
CA SER A 72 14.00 3.50 8.78
C SER A 72 12.92 2.44 8.74
N PHE A 73 12.74 1.68 9.81
CA PHE A 73 11.64 0.71 9.90
C PHE A 73 11.50 0.44 11.40
N ALA A 74 10.52 -0.38 11.76
CA ALA A 74 10.28 -0.72 13.14
C ALA A 74 9.76 -2.12 13.13
N GLY A 75 9.86 -2.82 14.26
CA GLY A 75 9.31 -4.17 14.37
C GLY A 75 10.38 -5.21 14.18
N LEU A 76 9.98 -6.47 14.12
CA LEU A 76 10.95 -7.58 14.02
C LEU A 76 11.30 -7.72 12.53
N GLU A 77 12.41 -7.12 12.13
CA GLU A 77 12.84 -7.09 10.73
C GLU A 77 14.34 -7.31 10.68
N PRO A 78 14.78 -8.57 10.70
CA PRO A 78 16.20 -8.98 10.73
C PRO A 78 17.01 -8.45 9.57
N MET A 79 16.39 -8.35 8.40
CA MET A 79 17.06 -7.83 7.22
C MET A 79 16.76 -6.35 6.86
N GLY A 80 16.14 -5.62 7.78
CA GLY A 80 15.69 -4.26 7.53
C GLY A 80 16.77 -3.26 7.18
N LEU A 81 17.89 -3.38 7.88
CA LEU A 81 19.02 -2.53 7.60
C LEU A 81 19.48 -2.64 6.16
N LEU A 82 19.13 -3.72 5.47
CA LEU A 82 19.45 -3.85 4.05
C LEU A 82 18.25 -3.56 3.18
N TRP A 83 17.10 -4.12 3.46
CA TRP A 83 16.02 -3.83 2.55
C TRP A 83 15.49 -2.39 2.66
N ALA A 84 15.63 -1.74 3.80
CA ALA A 84 15.16 -0.34 3.98
C ALA A 84 16.18 0.68 3.56
N LEU A 85 17.30 0.31 2.97
CA LEU A 85 18.24 1.34 2.57
C LEU A 85 17.57 2.35 1.59
N GLU A 86 17.77 3.65 1.80
CA GLU A 86 17.30 4.71 0.94
C GLU A 86 18.48 5.57 0.45
N PRO A 87 18.43 6.01 -0.81
CA PRO A 87 19.45 6.90 -1.31
C PRO A 87 19.35 8.31 -0.70
N GLU A 88 20.49 8.99 -0.61
CA GLU A 88 20.51 10.44 -0.37
C GLU A 88 19.84 11.20 -1.52
N LYS A 89 20.26 10.88 -2.76
CA LYS A 89 19.76 11.57 -3.94
C LYS A 89 18.35 11.07 -4.27
N PRO A 90 17.38 11.97 -4.42
CA PRO A 90 16.04 11.49 -4.69
C PRO A 90 15.89 10.91 -6.09
N PHE A 91 14.93 10.01 -6.25
CA PHE A 91 14.68 9.33 -7.52
C PHE A 91 15.83 8.43 -8.00
N TRP A 92 16.73 8.07 -7.10
CA TRP A 92 17.89 7.27 -7.46
C TRP A 92 17.60 5.80 -7.15
N ARG A 93 17.85 4.91 -8.09
CA ARG A 93 17.41 3.55 -7.94
C ARG A 93 18.64 2.72 -7.58
N PHE A 94 18.42 1.72 -6.73
CA PHE A 94 19.37 0.69 -6.36
C PHE A 94 19.46 -0.37 -7.44
N LEU A 95 20.60 -0.42 -8.11
CA LEU A 95 20.85 -1.35 -9.20
C LEU A 95 22.28 -1.86 -9.10
N LYS A 96 22.53 -2.95 -9.81
CA LYS A 96 23.86 -3.50 -9.94
C LYS A 96 24.21 -3.73 -11.40
N ARG A 97 25.12 -2.94 -11.93
CA ARG A 97 25.54 -3.05 -13.31
C ARG A 97 26.75 -3.95 -13.49
N ASP A 98 27.67 -3.99 -12.53
CA ASP A 98 28.83 -4.87 -12.61
C ASP A 98 28.76 -5.94 -11.53
N VAL A 99 28.34 -7.11 -11.97
CA VAL A 99 27.96 -8.20 -11.11
C VAL A 99 29.18 -8.86 -10.44
N GLN A 100 30.35 -8.65 -11.03
CA GLN A 100 31.59 -9.24 -10.56
C GLN A 100 32.23 -8.47 -9.40
N ILE A 101 31.81 -7.23 -9.19
CA ILE A 101 32.27 -6.43 -8.02
C ILE A 101 31.17 -6.29 -6.94
N PRO A 102 31.46 -6.71 -5.71
CA PRO A 102 30.43 -6.56 -4.65
C PRO A 102 30.19 -5.13 -4.11
N PHE A 103 29.09 -4.95 -3.42
CA PHE A 103 28.89 -3.78 -2.58
C PHE A 103 29.51 -4.05 -1.20
N VAL A 104 30.15 -3.05 -0.64
CA VAL A 104 30.59 -3.10 0.76
C VAL A 104 29.54 -2.35 1.59
N VAL A 105 28.94 -3.04 2.54
CA VAL A 105 28.06 -2.45 3.53
C VAL A 105 28.80 -2.11 4.84
N GLU A 106 28.96 -0.81 5.10
CA GLU A 106 29.41 -0.36 6.41
C GLU A 106 28.30 -0.41 7.49
N LEU A 107 28.47 -1.31 8.46
CA LEU A 107 27.61 -1.40 9.63
C LEU A 107 28.25 -0.73 10.85
N GLU A 108 27.43 -0.11 11.68
CA GLU A 108 27.94 0.62 12.80
C GLU A 108 26.93 0.59 13.95
N VAL A 109 27.44 0.39 15.17
CA VAL A 109 26.63 0.47 16.38
C VAL A 109 27.01 1.73 17.13
N LEU A 110 26.03 2.61 17.33
CA LEU A 110 26.24 3.86 18.02
C LEU A 110 25.46 3.86 19.34
N ASP A 111 25.95 4.64 20.32
CA ASP A 111 25.35 4.71 21.63
C ASP A 111 24.17 5.66 21.63
N GLY A 112 23.07 5.22 22.19
CA GLY A 112 21.91 6.08 22.33
C GLY A 112 20.89 6.06 21.21
N HIS A 113 19.83 6.84 21.44
CA HIS A 113 18.68 6.95 20.52
C HIS A 113 18.48 8.35 20.01
N ASP A 114 19.50 9.17 20.18
CA ASP A 114 19.39 10.57 19.87
C ASP A 114 19.55 10.76 18.35
N PRO A 115 18.85 11.76 17.81
CA PRO A 115 19.04 12.13 16.42
C PRO A 115 20.49 12.46 16.12
N GLU A 116 21.09 13.34 16.94
CA GLU A 116 22.54 13.60 16.83
C GLU A 116 23.29 12.36 17.32
N PRO A 117 23.91 11.60 16.38
CA PRO A 117 24.48 10.26 16.63
C PRO A 117 25.48 10.19 17.79
N GLY A 118 25.37 9.15 18.62
CA GLY A 118 26.25 9.03 19.81
C GLY A 118 27.63 8.54 19.45
N ARG A 119 28.39 8.10 20.45
CA ARG A 119 29.76 7.67 20.23
C ARG A 119 29.77 6.29 19.53
N LEU A 120 30.78 6.07 18.70
CA LEU A 120 30.90 4.84 17.93
C LEU A 120 31.34 3.73 18.87
N LEU A 121 30.53 2.69 18.98
CA LEU A 121 30.85 1.55 19.83
C LEU A 121 31.51 0.46 19.03
N CYS A 122 31.08 0.25 17.78
CA CYS A 122 31.82 -0.58 16.82
C CYS A 122 31.43 -0.38 15.35
N GLN A 123 32.22 -0.97 14.47
CA GLN A 123 32.16 -0.80 13.01
C GLN A 123 32.46 -2.15 12.40
N ALA A 124 31.93 -2.38 11.21
CA ALA A 124 32.22 -3.62 10.49
C ALA A 124 31.85 -3.40 9.03
N GLN A 125 32.61 -4.01 8.14
CA GLN A 125 32.41 -3.91 6.71
C GLN A 125 32.24 -5.30 6.18
N HIS A 126 31.13 -5.50 5.48
CA HIS A 126 30.81 -6.78 4.98
C HIS A 126 30.49 -6.63 3.51
N GLU A 127 31.04 -7.55 2.73
CA GLU A 127 30.89 -7.56 1.31
C GLU A 127 29.66 -8.34 1.00
N ARG A 128 28.83 -7.80 0.13
CA ARG A 128 27.64 -8.51 -0.34
C ARG A 128 27.78 -8.70 -1.84
N HIS A 129 27.59 -9.93 -2.28
CA HIS A 129 27.95 -10.38 -3.60
C HIS A 129 26.77 -10.53 -4.56
N PHE A 130 27.06 -10.39 -5.84
CA PHE A 130 26.06 -10.62 -6.84
C PHE A 130 26.41 -11.80 -7.78
N LEU A 131 27.67 -12.23 -7.73
CA LEU A 131 28.12 -13.40 -8.46
C LEU A 131 28.38 -14.47 -7.43
N PRO A 132 27.49 -15.44 -7.31
CA PRO A 132 27.67 -16.44 -6.28
C PRO A 132 28.92 -17.33 -6.46
N PRO A 133 29.23 -18.17 -5.43
CA PRO A 133 30.47 -18.94 -5.40
C PRO A 133 30.64 -19.88 -6.60
N GLY A 134 31.72 -19.68 -7.33
CA GLY A 134 32.10 -20.56 -8.43
C GLY A 134 31.21 -20.45 -9.66
N VAL A 135 30.38 -19.42 -9.75
CA VAL A 135 29.55 -19.23 -10.92
C VAL A 135 30.45 -18.53 -11.91
N TRP A 136 30.47 -19.02 -13.15
CA TRP A 136 31.34 -18.50 -14.20
C TRP A 136 30.52 -17.65 -15.18
N ARG A 137 31.09 -16.52 -15.59
CA ARG A 137 30.39 -15.52 -16.40
C ARG A 137 31.10 -15.38 -17.72
N GLN A 138 30.34 -15.33 -18.82
CA GLN A 138 30.93 -15.11 -20.15
C GLN A 138 30.04 -14.29 -21.03
N SER A 139 30.61 -13.25 -21.62
CA SER A 139 29.95 -12.46 -22.63
C SER A 139 29.66 -13.29 -23.88
N VAL A 140 28.46 -13.11 -24.44
CA VAL A 140 28.00 -13.89 -25.58
C VAL A 140 27.73 -12.91 -26.68
N ARG A 141 28.49 -13.08 -27.77
CA ARG A 141 28.32 -12.44 -29.06
C ARG A 141 28.17 -13.59 -30.06
N ALA A 142 26.97 -14.03 -30.35
CA ALA A 142 26.79 -15.12 -31.29
C ALA A 142 25.74 -14.67 -32.25
N GLY A 143 26.08 -14.63 -33.53
CA GLY A 143 25.20 -13.97 -34.49
C GLY A 143 24.96 -12.54 -34.03
N ARG A 144 23.70 -12.10 -34.09
CA ARG A 144 23.34 -10.76 -33.61
C ARG A 144 23.03 -10.71 -32.09
N VAL A 145 23.08 -11.88 -31.44
CA VAL A 145 22.76 -12.01 -30.02
C VAL A 145 23.79 -11.36 -29.13
N ARG A 146 23.32 -10.43 -28.30
CA ARG A 146 24.17 -9.81 -27.28
C ARG A 146 23.60 -10.16 -25.88
N ALA A 147 24.44 -10.81 -25.08
CA ALA A 147 24.00 -11.43 -23.84
C ALA A 147 25.16 -11.78 -22.97
N THR A 148 24.86 -12.25 -21.75
CA THR A 148 25.86 -12.81 -20.86
C THR A 148 25.39 -14.13 -20.23
N LEU A 149 26.27 -15.12 -20.23
CA LEU A 149 25.94 -16.47 -19.79
C LEU A 149 26.55 -16.67 -18.42
N PHE A 150 25.79 -17.28 -17.52
CA PHE A 150 26.28 -17.61 -16.18
C PHE A 150 26.07 -19.10 -16.03
N LEU A 151 27.14 -19.78 -15.67
CA LEU A 151 27.10 -21.22 -15.46
C LEU A 151 27.36 -21.54 -13.99
N PRO A 152 26.51 -22.39 -13.38
CA PRO A 152 26.84 -22.83 -12.02
C PRO A 152 28.10 -23.67 -12.04
N PRO A 153 28.72 -23.89 -10.87
CA PRO A 153 29.83 -24.82 -10.74
C PRO A 153 29.34 -26.24 -10.79
N GLY A 154 30.21 -27.14 -11.26
CA GLY A 154 29.91 -28.57 -11.31
C GLY A 154 30.07 -29.12 -12.72
N PRO A 155 29.91 -30.43 -12.90
CA PRO A 155 30.04 -31.04 -14.21
C PRO A 155 29.05 -30.53 -15.24
N GLY A 156 27.82 -30.24 -14.82
CA GLY A 156 26.76 -29.91 -15.75
C GLY A 156 26.31 -31.16 -16.46
N PRO A 157 25.54 -31.03 -17.54
CA PRO A 157 24.92 -29.79 -18.00
C PRO A 157 23.84 -29.33 -17.02
N PHE A 158 23.36 -28.10 -17.19
CA PHE A 158 22.45 -27.50 -16.23
C PHE A 158 21.12 -27.10 -16.86
N PRO A 159 20.04 -27.11 -16.06
CA PRO A 159 18.81 -26.60 -16.66
C PRO A 159 19.01 -25.12 -16.96
N GLY A 160 18.46 -24.68 -18.09
CA GLY A 160 18.69 -23.35 -18.66
C GLY A 160 17.50 -22.42 -18.63
N ILE A 161 17.78 -21.16 -18.29
CA ILE A 161 16.81 -20.07 -18.27
C ILE A 161 17.32 -18.82 -18.99
N ILE A 162 16.47 -18.18 -19.78
CA ILE A 162 16.77 -16.89 -20.37
C ILE A 162 16.00 -15.77 -19.61
N ASP A 163 16.69 -14.69 -19.33
CA ASP A 163 16.23 -13.64 -18.42
C ASP A 163 16.13 -12.34 -19.25
N ILE A 164 14.93 -11.76 -19.28
CA ILE A 164 14.63 -10.60 -20.11
C ILE A 164 14.00 -9.45 -19.26
N PHE A 165 14.73 -8.34 -19.14
CA PHE A 165 14.15 -7.08 -18.54
C PHE A 165 13.22 -6.34 -19.49
N GLY A 166 12.48 -5.39 -18.92
CA GLY A 166 11.63 -4.47 -19.70
C GLY A 166 12.38 -3.26 -20.18
N ILE A 167 11.63 -2.22 -20.56
CA ILE A 167 12.20 -0.98 -21.09
C ILE A 167 13.28 -0.39 -20.20
N GLY A 168 14.27 0.23 -20.83
CA GLY A 168 15.46 0.64 -20.15
C GLY A 168 16.66 0.34 -21.01
N GLY A 169 16.63 -0.86 -21.62
CA GLY A 169 17.72 -1.31 -22.48
C GLY A 169 19.01 -1.54 -21.71
N GLY A 170 20.11 -1.69 -22.46
CA GLY A 170 21.37 -2.19 -21.89
C GLY A 170 21.19 -3.62 -21.43
N LEU A 171 22.19 -4.11 -20.72
CA LEU A 171 22.25 -5.49 -20.27
C LEU A 171 22.46 -5.54 -18.77
N LEU A 172 21.40 -5.83 -18.03
CA LEU A 172 21.47 -5.98 -16.58
C LEU A 172 21.46 -7.50 -16.25
N GLU A 173 22.45 -7.89 -15.46
CA GLU A 173 22.81 -9.28 -15.27
C GLU A 173 22.43 -9.81 -13.90
N TYR A 174 22.06 -8.93 -12.98
CA TYR A 174 22.01 -9.29 -11.58
C TYR A 174 20.98 -10.36 -11.21
N ARG A 175 19.91 -10.46 -11.98
N ARG A 175 19.91 -10.44 -11.98
CA ARG A 175 18.92 -11.50 -11.75
CA ARG A 175 18.91 -11.48 -11.77
C ARG A 175 19.47 -12.82 -12.21
C ARG A 175 19.45 -12.82 -12.22
N ALA A 176 20.07 -12.85 -13.39
CA ALA A 176 20.64 -14.08 -13.96
C ALA A 176 21.82 -14.63 -13.15
N SER A 177 22.74 -13.75 -12.72
CA SER A 177 23.84 -14.16 -11.89
C SER A 177 23.38 -14.83 -10.57
N LEU A 178 22.42 -14.23 -9.88
CA LEU A 178 21.89 -14.84 -8.64
C LEU A 178 21.16 -16.15 -8.85
N LEU A 179 20.37 -16.26 -9.91
CA LEU A 179 19.76 -17.54 -10.26
C LEU A 179 20.80 -18.63 -10.53
N ALA A 180 21.93 -18.25 -11.11
CA ALA A 180 22.94 -19.20 -11.46
C ALA A 180 23.45 -19.89 -10.18
N GLY A 181 23.35 -19.21 -9.06
CA GLY A 181 23.72 -19.74 -7.75
C GLY A 181 22.82 -20.84 -7.21
N HIS A 182 21.74 -21.13 -7.90
CA HIS A 182 20.85 -22.21 -7.54
C HIS A 182 20.87 -23.38 -8.54
N GLY A 183 21.89 -23.48 -9.39
CA GLY A 183 21.96 -24.64 -10.27
C GLY A 183 21.42 -24.53 -11.70
N PHE A 184 21.06 -23.31 -12.14
CA PHE A 184 20.55 -23.07 -13.50
C PHE A 184 21.64 -22.38 -14.30
N ALA A 185 21.78 -22.75 -15.56
CA ALA A 185 22.57 -21.95 -16.50
C ALA A 185 21.61 -20.85 -16.91
N THR A 186 22.09 -19.62 -16.98
CA THR A 186 21.18 -18.51 -17.20
C THR A 186 21.77 -17.57 -18.23
N LEU A 187 20.92 -17.05 -19.11
CA LEU A 187 21.35 -16.09 -20.12
C LEU A 187 20.69 -14.72 -19.87
N ALA A 188 21.46 -13.73 -19.48
CA ALA A 188 21.02 -12.34 -19.41
C ALA A 188 20.97 -11.81 -20.83
N LEU A 189 19.79 -11.45 -21.33
CA LEU A 189 19.64 -11.10 -22.75
C LEU A 189 19.31 -9.64 -23.06
N ALA A 190 20.17 -8.98 -23.80
CA ALA A 190 19.97 -7.59 -24.22
C ALA A 190 19.22 -7.59 -25.55
N TYR A 191 18.39 -6.57 -25.75
CA TYR A 191 17.65 -6.46 -27.02
C TYR A 191 17.56 -5.04 -27.58
N TYR A 192 17.91 -4.02 -26.81
CA TYR A 192 18.17 -2.69 -27.38
C TYR A 192 19.04 -1.85 -26.50
N ASN A 193 19.53 -0.76 -27.09
CA ASN A 193 20.29 0.23 -26.35
C ASN A 193 21.50 -0.44 -25.72
N PHE A 194 22.23 -1.22 -26.51
CA PHE A 194 23.41 -1.96 -26.05
C PHE A 194 24.29 -2.38 -27.23
N GLU A 195 25.53 -1.90 -27.28
CA GLU A 195 26.42 -2.12 -28.42
C GLU A 195 25.66 -1.89 -29.76
N ASP A 196 25.72 -2.85 -30.68
CA ASP A 196 25.16 -2.71 -32.05
C ASP A 196 23.65 -2.99 -32.19
N LEU A 197 22.98 -3.31 -31.09
CA LEU A 197 21.55 -3.59 -31.18
C LEU A 197 20.89 -2.28 -31.57
N PRO A 198 19.64 -2.33 -32.05
CA PRO A 198 18.91 -1.09 -32.28
C PRO A 198 18.97 -0.15 -31.07
N ASN A 199 18.81 1.15 -31.29
CA ASN A 199 18.88 2.13 -30.22
C ASN A 199 17.49 2.46 -29.66
N ASN A 200 16.47 1.70 -30.10
CA ASN A 200 15.06 1.96 -29.76
C ASN A 200 14.20 0.69 -29.77
N MET A 201 12.89 0.87 -29.65
CA MET A 201 11.95 -0.23 -29.57
C MET A 201 10.73 -0.04 -30.49
N ASP A 202 10.97 0.16 -31.78
CA ASP A 202 9.87 0.46 -32.69
C ASP A 202 9.12 -0.81 -33.12
N ASN A 203 9.72 -1.97 -32.85
CA ASN A 203 9.24 -3.25 -33.32
C ASN A 203 9.90 -4.38 -32.57
N ILE A 204 9.09 -5.32 -32.08
CA ILE A 204 9.57 -6.55 -31.48
C ILE A 204 9.54 -7.67 -32.52
N SER A 205 10.72 -8.04 -32.99
CA SER A 205 10.90 -9.17 -33.90
C SER A 205 11.42 -10.37 -33.11
N LEU A 206 10.61 -11.41 -33.08
CA LEU A 206 10.83 -12.59 -32.27
C LEU A 206 11.98 -13.48 -32.75
N GLU A 207 12.41 -13.32 -34.01
CA GLU A 207 13.53 -14.07 -34.58
C GLU A 207 14.81 -13.82 -33.79
N TYR A 208 15.04 -12.60 -33.34
CA TYR A 208 16.19 -12.32 -32.51
C TYR A 208 16.21 -13.24 -31.24
N PHE A 209 15.04 -13.41 -30.60
CA PHE A 209 14.92 -14.13 -29.34
C PHE A 209 14.96 -15.61 -29.59
N GLU A 210 14.50 -16.02 -30.77
CA GLU A 210 14.63 -17.40 -31.19
C GLU A 210 16.10 -17.80 -31.35
N GLU A 211 16.92 -16.89 -31.84
CA GLU A 211 18.33 -17.11 -31.98
C GLU A 211 18.99 -17.25 -30.59
N ALA A 212 18.51 -16.49 -29.61
CA ALA A 212 19.00 -16.64 -28.23
C ALA A 212 18.61 -17.99 -27.65
N VAL A 213 17.39 -18.45 -27.91
CA VAL A 213 17.01 -19.80 -27.52
C VAL A 213 17.93 -20.87 -28.13
N CYS A 214 18.15 -20.76 -29.43
N CYS A 214 18.15 -20.75 -29.44
CA CYS A 214 18.99 -21.68 -30.18
CA CYS A 214 18.98 -21.66 -30.20
C CYS A 214 20.41 -21.70 -29.65
C CYS A 214 20.41 -21.69 -29.66
N TYR A 215 20.94 -20.53 -29.31
CA TYR A 215 22.23 -20.44 -28.70
C TYR A 215 22.29 -21.23 -27.40
N MET A 216 21.22 -21.14 -26.61
CA MET A 216 21.21 -21.79 -25.32
C MET A 216 21.08 -23.29 -25.49
N LEU A 217 20.12 -23.71 -26.31
CA LEU A 217 19.90 -25.14 -26.45
C LEU A 217 21.05 -25.85 -27.16
N GLN A 218 21.91 -25.14 -27.87
CA GLN A 218 23.05 -25.79 -28.48
C GLN A 218 24.33 -25.73 -27.62
N HIS A 219 24.26 -25.05 -26.47
CA HIS A 219 25.44 -24.93 -25.64
C HIS A 219 25.61 -26.22 -24.86
N PRO A 220 26.83 -26.77 -24.83
CA PRO A 220 27.15 -28.09 -24.21
C PRO A 220 26.82 -28.22 -22.76
N GLN A 221 26.74 -27.08 -22.07
CA GLN A 221 26.45 -27.09 -20.65
C GLN A 221 24.98 -26.76 -20.29
N VAL A 222 24.13 -26.64 -21.29
CA VAL A 222 22.70 -26.44 -21.07
C VAL A 222 21.96 -27.74 -21.31
N LYS A 223 21.26 -28.18 -20.28
CA LYS A 223 20.59 -29.47 -20.26
C LYS A 223 19.53 -29.66 -21.30
N GLY A 224 18.52 -28.80 -21.35
CA GLY A 224 17.41 -29.08 -22.31
C GLY A 224 16.52 -30.22 -21.81
N PRO A 225 15.56 -30.67 -22.61
CA PRO A 225 15.30 -30.40 -24.00
C PRO A 225 14.81 -28.99 -24.35
N GLY A 226 14.13 -28.32 -23.43
CA GLY A 226 13.71 -26.90 -23.64
C GLY A 226 14.41 -25.94 -22.71
N ILE A 227 14.12 -24.64 -22.86
CA ILE A 227 14.60 -23.63 -21.89
C ILE A 227 13.47 -22.99 -21.10
N GLY A 228 13.82 -22.43 -19.95
CA GLY A 228 12.89 -21.65 -19.15
C GLY A 228 13.01 -20.20 -19.56
N LEU A 229 11.90 -19.46 -19.42
CA LEU A 229 11.88 -18.03 -19.69
C LEU A 229 11.38 -17.29 -18.46
N LEU A 230 12.12 -16.23 -18.12
CA LEU A 230 11.84 -15.39 -17.01
C LEU A 230 11.88 -13.97 -17.51
N GLY A 231 10.72 -13.30 -17.47
CA GLY A 231 10.67 -11.86 -17.80
C GLY A 231 9.95 -10.94 -16.83
N ILE A 232 10.43 -9.70 -16.75
CA ILE A 232 9.68 -8.65 -16.06
C ILE A 232 9.23 -7.56 -17.00
N SER A 233 7.96 -7.16 -16.87
CA SER A 233 7.45 -5.97 -17.56
C SER A 233 7.35 -6.27 -19.09
N LEU A 234 7.89 -5.40 -19.95
CA LEU A 234 7.89 -5.72 -21.38
C LEU A 234 8.61 -7.04 -21.60
N GLY A 235 9.69 -7.29 -20.87
CA GLY A 235 10.37 -8.58 -20.98
C GLY A 235 9.42 -9.74 -20.71
N ALA A 236 8.51 -9.57 -19.78
CA ALA A 236 7.56 -10.61 -19.46
C ALA A 236 6.71 -10.84 -20.68
N ASP A 237 6.31 -9.74 -21.35
CA ASP A 237 5.47 -9.88 -22.55
C ASP A 237 6.22 -10.59 -23.68
N ILE A 238 7.50 -10.26 -23.81
CA ILE A 238 8.33 -10.92 -24.80
C ILE A 238 8.44 -12.39 -24.45
N CYS A 239 8.63 -12.74 -23.18
CA CYS A 239 8.67 -14.15 -22.82
C CYS A 239 7.37 -14.90 -23.16
N LEU A 240 6.20 -14.32 -22.88
CA LEU A 240 4.92 -14.90 -23.28
C LEU A 240 4.74 -15.04 -24.82
N SER A 241 5.29 -14.11 -25.57
CA SER A 241 5.23 -14.15 -27.04
C SER A 241 6.12 -15.26 -27.56
N MET A 242 7.33 -15.37 -27.00
CA MET A 242 8.25 -16.46 -27.33
C MET A 242 7.61 -17.82 -27.04
N ALA A 243 7.01 -17.95 -25.86
CA ALA A 243 6.32 -19.19 -25.53
C ALA A 243 5.19 -19.49 -26.53
N SER A 244 4.58 -18.44 -27.06
CA SER A 244 3.42 -18.62 -27.93
C SER A 244 3.83 -19.02 -29.34
N PHE A 245 5.02 -18.61 -29.77
CA PHE A 245 5.42 -18.77 -31.15
C PHE A 245 6.61 -19.67 -31.44
N LEU A 246 7.47 -19.96 -30.44
CA LEU A 246 8.70 -20.65 -30.66
C LEU A 246 8.69 -22.05 -30.12
N LYS A 247 9.63 -22.84 -30.65
CA LYS A 247 9.85 -24.21 -30.23
C LYS A 247 10.76 -24.25 -28.98
N ASN A 248 10.61 -25.32 -28.20
CA ASN A 248 11.56 -25.67 -27.12
C ASN A 248 11.53 -24.74 -25.91
N VAL A 249 10.39 -24.11 -25.66
CA VAL A 249 10.19 -23.35 -24.43
C VAL A 249 9.51 -24.25 -23.46
N SER A 250 10.16 -24.58 -22.36
CA SER A 250 9.60 -25.54 -21.40
C SER A 250 8.73 -24.93 -20.33
N ALA A 251 9.05 -23.75 -19.88
CA ALA A 251 8.27 -23.12 -18.83
C ALA A 251 8.52 -21.61 -18.83
N THR A 252 7.50 -20.83 -18.47
CA THR A 252 7.59 -19.36 -18.60
C THR A 252 7.08 -18.69 -17.34
N VAL A 253 7.92 -17.80 -16.80
CA VAL A 253 7.52 -16.99 -15.67
C VAL A 253 7.40 -15.55 -16.12
N SER A 254 6.24 -14.93 -15.84
CA SER A 254 6.04 -13.51 -16.10
C SER A 254 5.78 -12.73 -14.80
N ILE A 255 6.56 -11.68 -14.59
CA ILE A 255 6.43 -10.81 -13.48
C ILE A 255 5.88 -9.46 -14.01
N ASN A 256 4.67 -9.10 -13.57
CA ASN A 256 3.98 -7.90 -13.98
C ASN A 256 4.02 -7.67 -15.49
N GLY A 257 3.82 -8.74 -16.25
CA GLY A 257 3.59 -8.61 -17.66
C GLY A 257 2.16 -8.12 -17.91
N SER A 258 1.81 -7.90 -19.18
CA SER A 258 0.46 -7.50 -19.57
C SER A 258 -0.23 -8.54 -20.46
N GLY A 259 0.56 -9.33 -21.19
CA GLY A 259 0.00 -10.36 -22.05
C GLY A 259 -0.57 -9.81 -23.34
N ILE A 260 -0.11 -8.67 -23.77
CA ILE A 260 -0.65 -8.08 -24.97
C ILE A 260 0.45 -7.28 -25.64
N SER A 261 0.26 -7.00 -26.93
CA SER A 261 1.12 -6.06 -27.66
C SER A 261 0.66 -4.66 -27.23
N GLY A 262 1.59 -3.85 -26.74
CA GLY A 262 1.25 -2.63 -26.04
C GLY A 262 1.47 -1.39 -26.87
N ASN A 263 2.69 -0.89 -26.88
CA ASN A 263 3.05 0.28 -27.67
C ASN A 263 3.52 -0.11 -29.05
N THR A 264 4.03 -1.34 -29.17
CA THR A 264 4.74 -1.74 -30.38
C THR A 264 4.27 -3.15 -30.83
N ALA A 265 4.15 -3.33 -32.14
CA ALA A 265 3.65 -4.58 -32.68
C ALA A 265 4.59 -5.73 -32.32
N ILE A 266 4.06 -6.92 -32.17
CA ILE A 266 4.91 -8.07 -31.97
C ILE A 266 4.82 -8.91 -33.22
N ASN A 267 5.96 -9.08 -33.89
CA ASN A 267 6.07 -9.81 -35.17
C ASN A 267 6.90 -11.08 -35.09
N TYR A 268 6.44 -12.11 -35.80
CA TYR A 268 7.22 -13.32 -36.00
C TYR A 268 6.86 -14.00 -37.31
N LYS A 269 7.82 -14.01 -38.24
CA LYS A 269 7.58 -14.54 -39.58
C LYS A 269 6.35 -13.87 -40.23
N HIS A 270 5.30 -14.63 -40.47
CA HIS A 270 4.14 -14.14 -41.18
C HIS A 270 2.99 -13.81 -40.21
N SER A 271 3.30 -13.61 -38.93
CA SER A 271 2.31 -13.22 -37.92
C SER A 271 2.71 -11.93 -37.25
N SER A 272 1.72 -11.05 -37.07
CA SER A 272 1.84 -9.79 -36.34
C SER A 272 0.70 -9.62 -35.34
N ILE A 273 1.06 -9.20 -34.11
CA ILE A 273 0.06 -8.86 -33.08
C ILE A 273 -0.01 -7.34 -33.05
N PRO A 274 -1.20 -6.79 -33.34
CA PRO A 274 -1.30 -5.34 -33.37
C PRO A 274 -1.23 -4.69 -31.95
N PRO A 275 -0.62 -3.51 -31.85
CA PRO A 275 -0.57 -2.77 -30.59
C PRO A 275 -1.93 -2.21 -30.12
N LEU A 276 -2.18 -2.31 -28.83
CA LEU A 276 -3.35 -1.70 -28.24
C LEU A 276 -3.24 -0.18 -28.17
N GLY A 277 -2.05 0.34 -28.00
CA GLY A 277 -1.86 1.77 -27.90
C GLY A 277 -2.13 2.33 -26.51
N TYR A 278 -1.69 3.55 -26.33
CA TYR A 278 -1.92 4.30 -25.15
C TYR A 278 -2.27 5.74 -25.52
N ASP A 279 -2.68 6.51 -24.49
CA ASP A 279 -2.94 7.94 -24.62
C ASP A 279 -2.45 8.69 -23.37
N LEU A 280 -1.47 9.57 -23.58
CA LEU A 280 -0.87 10.33 -22.51
C LEU A 280 -1.80 11.34 -21.79
N ARG A 281 -2.95 11.66 -22.37
CA ARG A 281 -3.89 12.54 -21.68
C ARG A 281 -4.49 11.88 -20.44
N ARG A 282 -4.29 10.57 -20.33
CA ARG A 282 -4.81 9.81 -19.20
C ARG A 282 -3.82 9.74 -18.04
N ILE A 283 -2.69 10.44 -18.12
CA ILE A 283 -1.83 10.60 -16.97
C ILE A 283 -2.59 11.38 -15.90
N LYS A 284 -2.34 11.03 -14.63
N LYS A 284 -2.41 10.97 -14.64
CA LYS A 284 -2.89 11.70 -13.47
CA LYS A 284 -2.86 11.72 -13.48
C LYS A 284 -1.74 12.30 -12.65
C LYS A 284 -1.65 12.38 -12.84
N VAL A 285 -1.81 13.58 -12.32
CA VAL A 285 -0.76 14.26 -11.57
C VAL A 285 -1.19 14.21 -10.13
N ALA A 286 -0.39 13.60 -9.24
CA ALA A 286 -0.71 13.59 -7.81
C ALA A 286 -0.51 15.01 -7.24
N PHE A 287 -1.01 15.20 -6.01
CA PHE A 287 -0.84 16.46 -5.27
C PHE A 287 0.65 16.85 -5.31
N SER A 288 1.54 15.89 -5.11
CA SER A 288 3.00 16.11 -5.07
C SER A 288 3.67 16.58 -6.35
N GLY A 289 2.96 16.44 -7.46
CA GLY A 289 3.53 16.62 -8.79
C GLY A 289 3.99 15.32 -9.44
N LEU A 290 4.04 14.21 -8.70
CA LEU A 290 4.39 12.92 -9.31
C LEU A 290 3.34 12.56 -10.33
N VAL A 291 3.77 11.90 -11.41
CA VAL A 291 2.82 11.41 -12.38
C VAL A 291 2.49 9.93 -12.16
N ASP A 292 1.24 9.59 -12.40
CA ASP A 292 0.76 8.24 -12.35
C ASP A 292 0.33 7.82 -13.76
N ILE A 293 0.98 6.82 -14.34
CA ILE A 293 0.63 6.44 -15.71
C ILE A 293 -0.24 5.22 -15.77
N VAL A 294 -0.80 4.76 -14.67
CA VAL A 294 -1.38 3.44 -14.66
C VAL A 294 -2.54 3.25 -15.60
N ASP A 295 -3.09 4.34 -16.08
CA ASP A 295 -4.34 4.31 -16.85
C ASP A 295 -4.13 4.72 -18.30
N ILE A 296 -2.89 4.98 -18.69
CA ILE A 296 -2.64 5.50 -20.03
C ILE A 296 -3.00 4.54 -21.16
N ARG A 297 -3.06 3.24 -20.90
CA ARG A 297 -3.29 2.25 -21.98
C ARG A 297 -4.73 2.22 -22.39
N ASN A 298 -5.00 1.91 -23.67
CA ASN A 298 -6.40 1.85 -24.19
C ASN A 298 -7.11 0.66 -23.62
N ALA A 299 -8.44 0.74 -23.59
CA ALA A 299 -9.26 -0.25 -22.92
C ALA A 299 -9.11 -1.60 -23.61
N LEU A 300 -8.89 -2.65 -22.83
CA LEU A 300 -8.86 -4.02 -23.32
C LEU A 300 -10.31 -4.51 -23.60
N VAL A 301 -10.92 -3.87 -24.58
CA VAL A 301 -12.26 -4.24 -25.05
C VAL A 301 -12.36 -5.65 -25.65
N GLY A 302 -13.45 -6.34 -25.35
CA GLY A 302 -13.59 -7.74 -25.67
C GLY A 302 -12.88 -8.68 -24.70
N GLY A 303 -12.07 -8.13 -23.78
CA GLY A 303 -11.21 -8.91 -22.90
C GLY A 303 -10.28 -9.85 -23.64
N TYR A 304 -10.33 -11.13 -23.32
CA TYR A 304 -9.37 -12.08 -23.90
C TYR A 304 -9.57 -12.26 -25.42
N LYS A 305 -10.68 -11.78 -25.98
CA LYS A 305 -10.93 -11.81 -27.45
C LYS A 305 -10.27 -10.66 -28.22
N ASN A 306 -9.77 -9.67 -27.51
CA ASN A 306 -9.12 -8.50 -28.06
C ASN A 306 -7.96 -8.85 -29.00
N PRO A 307 -7.93 -8.19 -30.16
CA PRO A 307 -6.94 -8.54 -31.17
C PRO A 307 -5.56 -8.36 -30.66
N SER A 308 -5.40 -7.57 -29.61
CA SER A 308 -4.04 -7.28 -29.12
C SER A 308 -3.47 -8.34 -28.19
N MET A 309 -4.24 -9.38 -27.95
CA MET A 309 -3.86 -10.42 -27.03
C MET A 309 -2.73 -11.30 -27.63
N ILE A 310 -1.71 -11.59 -26.81
CA ILE A 310 -0.69 -12.54 -27.15
C ILE A 310 -1.41 -13.88 -27.11
N PRO A 311 -1.32 -14.67 -28.19
CA PRO A 311 -2.06 -15.93 -28.27
C PRO A 311 -1.45 -17.03 -27.45
N ILE A 312 -1.39 -16.82 -26.16
CA ILE A 312 -0.70 -17.67 -25.22
C ILE A 312 -1.27 -19.12 -25.14
N GLU A 313 -2.45 -19.37 -25.65
CA GLU A 313 -2.98 -20.74 -25.77
C GLU A 313 -2.10 -21.64 -26.62
N LYS A 314 -1.21 -21.06 -27.37
CA LYS A 314 -0.32 -21.83 -28.23
C LYS A 314 0.87 -22.40 -27.52
N ALA A 315 1.15 -21.89 -26.32
CA ALA A 315 2.32 -22.30 -25.57
C ALA A 315 2.13 -23.75 -25.16
N GLN A 316 3.16 -24.57 -25.29
CA GLN A 316 3.06 -25.98 -24.86
C GLN A 316 3.33 -26.18 -23.33
N GLY A 317 4.19 -25.37 -22.74
CA GLY A 317 4.56 -25.58 -21.35
C GLY A 317 3.69 -24.79 -20.38
N PRO A 318 3.97 -24.90 -19.09
CA PRO A 318 3.28 -24.16 -18.07
C PRO A 318 3.79 -22.73 -17.91
N ILE A 319 2.91 -21.92 -17.35
CA ILE A 319 3.07 -20.50 -17.16
C ILE A 319 2.74 -20.17 -15.72
N LEU A 320 3.63 -19.38 -15.10
CA LEU A 320 3.43 -18.76 -13.81
C LEU A 320 3.35 -17.24 -13.97
N LEU A 321 2.32 -16.59 -13.44
CA LEU A 321 2.21 -15.13 -13.48
C LEU A 321 2.34 -14.58 -12.07
N ILE A 322 3.28 -13.67 -11.91
CA ILE A 322 3.54 -13.00 -10.65
C ILE A 322 3.05 -11.56 -10.81
N VAL A 323 2.28 -11.09 -9.84
CA VAL A 323 1.71 -9.77 -9.95
C VAL A 323 1.87 -8.93 -8.67
N GLY A 324 2.37 -7.72 -8.84
CA GLY A 324 2.28 -6.70 -7.80
C GLY A 324 0.89 -6.07 -7.82
N GLN A 325 0.12 -6.26 -6.76
CA GLN A 325 -1.22 -5.66 -6.71
C GLN A 325 -1.23 -4.15 -6.69
N ASP A 326 -0.13 -3.53 -6.26
CA ASP A 326 -0.05 -2.08 -6.25
C ASP A 326 0.77 -1.58 -7.46
N ASP A 327 0.82 -2.30 -8.57
CA ASP A 327 1.60 -1.89 -9.75
C ASP A 327 1.00 -0.60 -10.34
N HIS A 328 1.79 0.47 -10.44
CA HIS A 328 1.35 1.74 -11.05
C HIS A 328 1.85 2.00 -12.47
N ASN A 329 2.60 1.05 -12.99
CA ASN A 329 3.02 1.13 -14.35
C ASN A 329 1.90 0.74 -15.26
N TRP A 330 1.14 -0.29 -14.86
CA TRP A 330 -0.02 -0.74 -15.59
C TRP A 330 -0.73 -1.78 -14.72
N ARG A 331 -1.91 -2.23 -15.14
CA ARG A 331 -2.77 -3.06 -14.32
C ARG A 331 -2.47 -4.56 -14.39
N SER A 332 -1.32 -4.93 -13.86
CA SER A 332 -0.80 -6.30 -14.00
C SER A 332 -1.81 -7.30 -13.48
N GLU A 333 -2.45 -6.99 -12.38
CA GLU A 333 -3.50 -7.87 -11.87
C GLU A 333 -4.63 -8.16 -12.82
N LEU A 334 -5.19 -7.12 -13.45
N LEU A 334 -5.21 -7.13 -13.45
CA LEU A 334 -6.28 -7.29 -14.43
CA LEU A 334 -6.34 -7.38 -14.34
C LEU A 334 -5.81 -8.12 -15.61
C LEU A 334 -5.85 -8.07 -15.65
N TYR A 335 -4.62 -7.80 -16.08
CA TYR A 335 -4.05 -8.48 -17.22
C TYR A 335 -3.84 -9.99 -16.96
N ALA A 336 -3.37 -10.32 -15.77
CA ALA A 336 -3.07 -11.70 -15.43
C ALA A 336 -4.37 -12.52 -15.49
N GLN A 337 -5.45 -11.95 -14.99
CA GLN A 337 -6.73 -12.61 -15.08
C GLN A 337 -7.18 -12.84 -16.49
N THR A 338 -6.93 -11.88 -17.35
CA THR A 338 -7.38 -11.96 -18.74
C THR A 338 -6.61 -13.03 -19.45
N VAL A 339 -5.27 -13.02 -19.26
CA VAL A 339 -4.44 -14.12 -19.73
C VAL A 339 -5.01 -15.46 -19.21
N SER A 340 -5.40 -15.54 -17.94
CA SER A 340 -5.97 -16.79 -17.44
C SER A 340 -7.21 -17.14 -18.18
N GLU A 341 -8.04 -16.13 -18.47
CA GLU A 341 -9.30 -16.35 -19.16
C GLU A 341 -9.10 -16.81 -20.59
N ARG A 342 -8.07 -16.27 -21.23
CA ARG A 342 -7.65 -16.67 -22.57
C ARG A 342 -7.28 -18.16 -22.64
N LEU A 343 -6.45 -18.61 -21.72
CA LEU A 343 -6.01 -19.99 -21.68
C LEU A 343 -7.23 -20.92 -21.49
N GLN A 344 -8.08 -20.60 -20.51
CA GLN A 344 -9.20 -21.44 -20.17
C GLN A 344 -10.19 -21.56 -21.30
N ALA A 345 -10.37 -20.47 -22.07
CA ALA A 345 -11.33 -20.46 -23.18
C ALA A 345 -10.87 -21.36 -24.35
N HIS A 346 -9.56 -21.45 -24.59
CA HIS A 346 -9.00 -22.36 -25.58
C HIS A 346 -8.60 -23.68 -24.94
N GLY A 347 -9.25 -24.04 -23.82
CA GLY A 347 -9.17 -25.38 -23.24
C GLY A 347 -7.83 -25.76 -22.62
N LYS A 348 -7.09 -24.78 -22.14
CA LYS A 348 -5.84 -25.06 -21.47
C LYS A 348 -6.05 -24.88 -19.99
N GLU A 349 -5.06 -25.34 -19.24
CA GLU A 349 -5.08 -25.30 -17.80
C GLU A 349 -4.87 -23.86 -17.33
N LYS A 350 -5.57 -23.48 -16.25
CA LYS A 350 -5.35 -22.18 -15.59
C LYS A 350 -3.87 -22.00 -15.28
N PRO A 351 -3.32 -20.85 -15.62
CA PRO A 351 -1.97 -20.64 -15.11
C PRO A 351 -2.01 -20.42 -13.62
N GLN A 352 -0.90 -20.68 -12.97
CA GLN A 352 -0.75 -20.27 -11.62
C GLN A 352 -0.53 -18.75 -11.56
N ILE A 353 -1.33 -18.09 -10.76
CA ILE A 353 -1.15 -16.66 -10.49
C ILE A 353 -0.84 -16.40 -9.04
N ILE A 354 0.23 -15.70 -8.78
CA ILE A 354 0.53 -15.24 -7.42
C ILE A 354 0.47 -13.71 -7.40
N CYS A 355 -0.38 -13.19 -6.51
CA CYS A 355 -0.66 -11.76 -6.37
C CYS A 355 -0.09 -11.27 -5.03
N TYR A 356 0.74 -10.25 -5.06
CA TYR A 356 1.34 -9.74 -3.82
C TYR A 356 0.74 -8.38 -3.47
N PRO A 357 0.17 -8.25 -2.28
CA PRO A 357 -0.41 -6.93 -1.87
C PRO A 357 0.69 -5.93 -1.54
N GLY A 358 0.46 -4.64 -1.67
CA GLY A 358 1.47 -3.61 -1.32
C GLY A 358 2.75 -3.64 -2.18
N THR A 359 2.70 -4.31 -3.33
CA THR A 359 3.84 -4.55 -4.16
C THR A 359 3.66 -3.86 -5.50
N GLY A 360 4.72 -3.19 -5.92
CA GLY A 360 4.70 -2.40 -7.16
C GLY A 360 5.14 -3.09 -8.41
N HIS A 361 5.51 -2.30 -9.41
CA HIS A 361 5.89 -2.86 -10.71
C HIS A 361 7.20 -3.63 -10.64
N TYR A 362 8.19 -3.04 -10.03
CA TYR A 362 9.56 -3.57 -10.00
C TYR A 362 9.86 -4.55 -8.86
N ILE A 363 9.45 -5.80 -9.05
CA ILE A 363 9.72 -6.90 -8.12
C ILE A 363 11.13 -7.41 -8.50
N GLU A 364 12.11 -6.92 -7.75
CA GLU A 364 13.48 -7.29 -7.88
C GLU A 364 13.80 -8.56 -7.05
N PRO A 365 15.08 -8.99 -7.05
CA PRO A 365 15.45 -10.13 -6.21
C PRO A 365 15.49 -9.71 -4.73
N PRO A 366 15.50 -10.69 -3.83
CA PRO A 366 15.33 -10.38 -2.42
C PRO A 366 16.28 -9.34 -1.87
N TYR A 367 15.72 -8.45 -1.05
CA TYR A 367 16.43 -7.40 -0.29
C TYR A 367 16.91 -6.24 -1.14
N PHE A 368 16.51 -6.22 -2.40
CA PHE A 368 16.69 -5.02 -3.21
C PHE A 368 15.74 -3.95 -2.71
N PRO A 369 16.24 -2.80 -2.23
CA PRO A 369 15.39 -1.72 -1.73
C PRO A 369 14.37 -1.21 -2.76
N LEU A 370 13.20 -0.81 -2.28
CA LEU A 370 12.17 -0.33 -3.19
C LEU A 370 12.58 1.08 -3.67
N CYS A 371 12.39 1.34 -4.96
CA CYS A 371 12.45 2.72 -5.53
C CYS A 371 11.03 3.17 -5.93
N PRO A 372 10.41 4.04 -5.13
CA PRO A 372 8.99 4.34 -5.33
C PRO A 372 8.69 5.19 -6.53
N ALA A 373 9.69 5.93 -7.01
CA ALA A 373 9.49 6.86 -8.11
C ALA A 373 10.82 7.21 -8.76
N SER A 374 10.80 7.31 -10.08
CA SER A 374 11.97 7.70 -10.85
C SER A 374 11.55 8.27 -12.21
N LEU A 375 12.51 8.83 -12.93
CA LEU A 375 12.31 9.31 -14.30
C LEU A 375 11.84 8.19 -15.20
N HIS A 376 10.69 8.37 -15.82
CA HIS A 376 10.26 7.46 -16.87
C HIS A 376 10.86 7.97 -18.19
N ARG A 377 11.66 7.11 -18.82
CA ARG A 377 12.54 7.46 -19.97
C ARG A 377 11.80 7.94 -21.24
N LEU A 378 10.70 7.25 -21.58
CA LEU A 378 9.87 7.65 -22.73
C LEU A 378 9.28 9.03 -22.42
N LEU A 379 8.55 9.13 -21.30
CA LEU A 379 7.80 10.33 -20.97
C LEU A 379 8.61 11.55 -20.51
N ASN A 380 9.82 11.34 -19.99
CA ASN A 380 10.66 12.45 -19.43
C ASN A 380 10.05 13.16 -18.21
N LYS A 381 9.25 12.40 -17.45
CA LYS A 381 8.69 12.88 -16.19
C LYS A 381 8.84 11.82 -15.07
N HIS A 382 8.87 12.28 -13.82
CA HIS A 382 8.96 11.39 -12.65
C HIS A 382 7.62 10.72 -12.36
N VAL A 383 7.64 9.40 -12.35
CA VAL A 383 6.44 8.60 -12.17
C VAL A 383 6.54 7.72 -10.92
N ILE A 384 5.39 7.43 -10.30
CA ILE A 384 5.33 6.45 -9.24
C ILE A 384 5.25 5.00 -9.80
N TRP A 385 5.91 4.09 -9.12
CA TRP A 385 5.92 2.68 -9.53
C TRP A 385 5.04 1.81 -8.66
N GLY A 386 4.67 2.32 -7.51
CA GLY A 386 3.83 1.55 -6.60
C GLY A 386 4.71 0.76 -5.63
N GLY A 387 4.08 0.27 -4.57
CA GLY A 387 4.71 -0.56 -3.57
C GLY A 387 4.90 0.14 -2.23
N GLU A 388 4.75 -0.60 -1.14
CA GLU A 388 5.11 -0.15 0.21
C GLU A 388 6.35 -0.95 0.65
N PRO A 389 7.30 -0.30 1.33
CA PRO A 389 8.59 -1.00 1.56
C PRO A 389 8.52 -2.41 2.23
N ARG A 390 7.77 -2.53 3.32
CA ARG A 390 7.75 -3.78 4.04
C ARG A 390 7.08 -4.82 3.18
N ALA A 391 5.87 -4.51 2.71
CA ALA A 391 5.08 -5.47 1.95
C ALA A 391 5.78 -5.87 0.63
N HIS A 392 6.40 -4.91 -0.02
CA HIS A 392 7.15 -5.17 -1.27
C HIS A 392 8.31 -6.09 -0.97
N SER A 393 8.96 -5.90 0.18
CA SER A 393 10.14 -6.67 0.50
C SER A 393 9.78 -8.12 0.75
N LYS A 394 8.63 -8.40 1.37
CA LYS A 394 8.19 -9.78 1.57
C LYS A 394 7.73 -10.41 0.27
N ALA A 395 7.18 -9.60 -0.63
CA ALA A 395 6.87 -10.06 -1.96
C ALA A 395 8.13 -10.50 -2.70
N GLN A 396 9.20 -9.71 -2.62
CA GLN A 396 10.42 -10.05 -3.32
C GLN A 396 11.07 -11.33 -2.74
N GLU A 397 11.07 -11.50 -1.41
CA GLU A 397 11.55 -12.76 -0.82
C GLU A 397 10.72 -13.96 -1.30
N ASP A 398 9.40 -13.88 -1.25
CA ASP A 398 8.58 -15.02 -1.60
C ASP A 398 8.64 -15.32 -3.09
N ALA A 399 8.59 -14.30 -3.93
CA ALA A 399 8.59 -14.52 -5.37
C ALA A 399 9.86 -15.28 -5.84
N TRP A 400 11.01 -14.94 -5.30
CA TRP A 400 12.23 -15.67 -5.58
C TRP A 400 12.07 -17.20 -5.37
N LYS A 401 11.55 -17.60 -4.24
CA LYS A 401 11.31 -19.01 -3.91
C LYS A 401 10.28 -19.63 -4.79
N GLN A 402 9.27 -18.85 -5.17
CA GLN A 402 8.23 -19.37 -6.09
C GLN A 402 8.85 -19.63 -7.44
N ILE A 403 9.74 -18.74 -7.87
CA ILE A 403 10.38 -18.88 -9.16
C ILE A 403 11.32 -20.09 -9.14
N LEU A 404 12.15 -20.22 -8.11
CA LEU A 404 13.02 -21.39 -7.98
C LEU A 404 12.20 -22.71 -8.00
N ALA A 405 11.16 -22.78 -7.20
CA ALA A 405 10.33 -23.97 -7.12
C ALA A 405 9.72 -24.30 -8.46
N PHE A 406 9.20 -23.28 -9.14
CA PHE A 406 8.60 -23.45 -10.49
C PHE A 406 9.59 -23.99 -11.55
N PHE A 407 10.76 -23.40 -11.62
CA PHE A 407 11.74 -23.83 -12.62
C PHE A 407 12.35 -25.20 -12.23
N CYS A 408 12.59 -25.45 -10.94
CA CYS A 408 13.04 -26.77 -10.46
C CYS A 408 12.11 -27.86 -10.92
N LYS A 409 10.82 -27.63 -10.74
CA LYS A 409 9.85 -28.64 -11.05
C LYS A 409 9.76 -28.87 -12.58
N HIS A 410 9.76 -27.79 -13.35
CA HIS A 410 9.45 -27.91 -14.76
C HIS A 410 10.67 -28.04 -15.69
N LEU A 411 11.87 -27.68 -15.20
CA LEU A 411 13.11 -27.84 -15.98
C LEU A 411 14.01 -28.97 -15.45
N ALA B 4 -32.29 5.75 -22.93
CA ALA B 4 -30.98 6.10 -22.29
C ALA B 4 -31.20 6.64 -20.89
N THR B 5 -31.17 5.77 -19.87
CA THR B 5 -31.42 6.25 -18.50
C THR B 5 -30.66 5.51 -17.39
N LEU B 6 -30.46 6.26 -16.31
CA LEU B 6 -29.64 5.91 -15.15
C LEU B 6 -30.59 5.59 -14.01
N ILE B 7 -30.26 4.58 -13.21
CA ILE B 7 -31.18 4.05 -12.23
C ILE B 7 -30.39 3.65 -11.00
N LEU B 8 -30.71 4.22 -9.84
CA LEU B 8 -30.05 3.86 -8.60
C LEU B 8 -30.93 2.95 -7.77
N GLU B 9 -30.32 2.04 -7.03
CA GLU B 9 -31.06 0.99 -6.36
C GLU B 9 -30.48 0.57 -5.01
N PRO B 10 -31.32 0.42 -3.97
CA PRO B 10 -32.62 1.08 -3.76
C PRO B 10 -32.41 2.33 -2.93
N CYS B 14 -31.22 8.29 1.19
CA CYS B 14 -30.09 7.33 1.20
C CYS B 14 -28.79 7.99 1.69
N CYS B 15 -28.11 7.32 2.62
CA CYS B 15 -27.02 7.92 3.37
C CYS B 15 -25.66 7.67 2.71
N TRP B 16 -24.71 8.56 3.00
CA TRP B 16 -23.38 8.48 2.39
C TRP B 16 -22.73 7.08 2.50
N ASN B 17 -22.86 6.45 3.66
CA ASN B 17 -22.21 5.14 3.91
C ASN B 17 -22.94 3.93 3.32
N GLU B 18 -24.12 4.12 2.73
CA GLU B 18 -24.91 3.02 2.17
C GLU B 18 -24.51 2.68 0.73
N PRO B 19 -24.19 1.42 0.46
CA PRO B 19 -23.90 1.00 -0.94
C PRO B 19 -25.08 1.19 -1.88
N VAL B 20 -24.82 1.48 -3.14
CA VAL B 20 -25.91 1.69 -4.10
C VAL B 20 -25.55 0.89 -5.34
N ARG B 21 -26.58 0.57 -6.13
CA ARG B 21 -26.40 -0.19 -7.37
C ARG B 21 -26.72 0.76 -8.49
N ILE B 22 -25.70 1.11 -9.24
CA ILE B 22 -25.83 2.00 -10.37
C ILE B 22 -26.00 1.16 -11.61
N ALA B 23 -26.94 1.55 -12.44
CA ALA B 23 -27.39 0.73 -13.55
C ALA B 23 -27.78 1.65 -14.71
N VAL B 24 -27.53 1.21 -15.94
CA VAL B 24 -27.84 2.02 -17.09
C VAL B 24 -28.62 1.19 -18.08
N ARG B 25 -29.60 1.85 -18.73
CA ARG B 25 -30.50 1.19 -19.68
C ARG B 25 -30.63 2.04 -20.92
N GLY B 26 -31.00 1.41 -22.02
CA GLY B 26 -31.31 2.13 -23.25
C GLY B 26 -30.08 2.51 -24.01
N LEU B 27 -29.01 1.70 -23.88
CA LEU B 27 -27.78 1.93 -24.64
C LEU B 27 -27.80 0.96 -25.82
N ALA B 28 -26.91 1.17 -26.79
CA ALA B 28 -26.72 0.18 -27.85
C ALA B 28 -25.92 -1.05 -27.35
N PRO B 29 -26.19 -2.23 -27.92
CA PRO B 29 -25.38 -3.41 -27.60
C PRO B 29 -23.87 -3.12 -27.60
N GLU B 30 -23.21 -3.44 -26.49
CA GLU B 30 -21.77 -3.31 -26.40
C GLU B 30 -21.29 -1.91 -26.70
N GLN B 31 -22.10 -0.92 -26.36
CA GLN B 31 -21.69 0.48 -26.50
C GLN B 31 -20.63 0.85 -25.42
N ARG B 32 -19.61 1.54 -25.89
CA ARG B 32 -18.57 2.05 -25.06
C ARG B 32 -19.02 3.34 -24.43
N VAL B 33 -18.95 3.38 -23.10
CA VAL B 33 -19.36 4.56 -22.35
C VAL B 33 -18.39 4.85 -21.20
N THR B 34 -18.40 6.12 -20.78
CA THR B 34 -17.70 6.61 -19.62
C THR B 34 -18.78 7.11 -18.63
N LEU B 35 -18.67 6.70 -17.36
CA LEU B 35 -19.54 7.17 -16.31
C LEU B 35 -18.73 8.15 -15.51
N ARG B 36 -19.32 9.30 -15.17
CA ARG B 36 -18.62 10.33 -14.38
C ARG B 36 -19.44 10.66 -13.17
N ALA B 37 -18.76 10.92 -12.07
CA ALA B 37 -19.42 11.39 -10.87
C ALA B 37 -18.68 12.62 -10.47
N SER B 38 -19.41 13.59 -9.96
CA SER B 38 -18.79 14.78 -9.43
C SER B 38 -19.61 15.32 -8.31
N LEU B 39 -18.96 16.02 -7.42
CA LEU B 39 -19.66 16.62 -6.30
C LEU B 39 -18.90 17.80 -5.80
N ARG B 40 -19.64 18.74 -5.26
CA ARG B 40 -19.04 19.90 -4.70
C ARG B 40 -19.22 19.95 -3.21
N ASP B 41 -18.13 20.21 -2.51
CA ASP B 41 -18.20 20.24 -1.06
C ASP B 41 -18.70 21.63 -0.55
N GLU B 42 -18.73 21.80 0.74
CA GLU B 42 -19.32 22.99 1.35
C GLU B 42 -18.46 24.23 1.15
N LYS B 43 -17.18 24.03 0.80
CA LYS B 43 -16.31 25.11 0.46
C LYS B 43 -16.24 25.33 -1.05
N GLY B 44 -17.02 24.61 -1.83
CA GLY B 44 -16.97 24.76 -3.29
C GLY B 44 -15.89 23.96 -4.04
N ALA B 45 -15.23 23.01 -3.37
CA ALA B 45 -14.19 22.20 -4.04
C ALA B 45 -14.88 21.13 -4.77
N LEU B 46 -14.49 20.92 -6.01
CA LEU B 46 -15.04 19.86 -6.85
C LEU B 46 -14.26 18.53 -6.69
N PHE B 47 -14.99 17.44 -6.46
CA PHE B 47 -14.43 16.10 -6.37
C PHE B 47 -15.02 15.38 -7.59
N ARG B 48 -14.21 14.56 -8.25
N ARG B 48 -14.20 14.58 -8.26
N ARG B 48 -14.23 14.60 -8.29
CA ARG B 48 -14.62 13.86 -9.49
CA ARG B 48 -14.57 13.89 -9.52
CA ARG B 48 -14.73 13.83 -9.44
C ARG B 48 -14.06 12.44 -9.57
C ARG B 48 -14.04 12.45 -9.58
C ARG B 48 -14.03 12.49 -9.65
N ALA B 49 -14.75 11.59 -10.32
CA ALA B 49 -14.25 10.28 -10.66
C ALA B 49 -14.92 9.85 -11.95
N HIS B 50 -14.24 8.98 -12.69
CA HIS B 50 -14.77 8.37 -13.91
C HIS B 50 -14.25 6.94 -14.18
N ALA B 51 -14.96 6.23 -15.03
CA ALA B 51 -14.58 4.89 -15.35
C ALA B 51 -15.23 4.50 -16.66
N ARG B 52 -14.53 3.68 -17.44
CA ARG B 52 -14.98 3.23 -18.74
C ARG B 52 -15.56 1.84 -18.65
N TYR B 53 -16.68 1.63 -19.33
CA TYR B 53 -17.35 0.35 -19.41
C TYR B 53 -17.81 0.04 -20.85
N CYS B 54 -18.42 -1.15 -20.97
CA CYS B 54 -19.09 -1.57 -22.17
C CYS B 54 -20.41 -2.14 -21.75
N ALA B 55 -21.45 -1.75 -22.48
CA ALA B 55 -22.79 -2.25 -22.24
C ALA B 55 -22.83 -3.71 -22.62
N ASP B 56 -23.83 -4.46 -22.16
CA ASP B 56 -23.94 -5.87 -22.57
C ASP B 56 -24.73 -5.99 -23.90
N ALA B 57 -24.91 -7.21 -24.41
CA ALA B 57 -25.75 -7.44 -25.60
C ALA B 57 -27.07 -6.66 -25.62
N CYS B 58 -27.77 -6.60 -24.48
CA CYS B 58 -29.07 -5.90 -24.41
C CYS B 58 -29.04 -4.37 -24.14
N GLY B 59 -27.88 -3.74 -24.28
CA GLY B 59 -27.79 -2.27 -24.09
C GLY B 59 -27.83 -1.82 -22.63
N GLU B 60 -27.46 -2.73 -21.74
CA GLU B 60 -27.51 -2.49 -20.31
C GLU B 60 -26.14 -2.60 -19.61
N LEU B 61 -26.05 -1.89 -18.49
CA LEU B 61 -24.83 -1.80 -17.67
C LEU B 61 -25.22 -1.79 -16.19
N ASP B 62 -24.77 -2.84 -15.50
CA ASP B 62 -24.95 -2.99 -14.08
C ASP B 62 -23.56 -2.94 -13.41
N LEU B 63 -23.27 -1.83 -12.72
CA LEU B 63 -21.92 -1.67 -12.12
C LEU B 63 -21.58 -2.74 -11.05
N GLU B 64 -22.58 -3.41 -10.53
CA GLU B 64 -22.37 -4.57 -9.65
C GLU B 64 -21.87 -5.86 -10.35
N ARG B 65 -21.91 -5.91 -11.68
N ARG B 65 -21.90 -5.88 -11.68
CA ARG B 65 -21.40 -7.09 -12.41
CA ARG B 65 -21.48 -7.07 -12.45
C ARG B 65 -20.41 -6.76 -13.55
C ARG B 65 -20.42 -6.75 -13.52
N ALA B 66 -20.48 -5.56 -14.10
CA ALA B 66 -19.58 -5.15 -15.19
C ALA B 66 -18.35 -4.47 -14.61
N PRO B 67 -17.16 -5.00 -14.91
CA PRO B 67 -15.95 -4.38 -14.40
C PRO B 67 -15.70 -3.06 -15.10
N ALA B 68 -15.22 -2.05 -14.38
CA ALA B 68 -14.62 -0.88 -15.01
C ALA B 68 -13.40 -1.34 -15.78
N LEU B 69 -13.19 -0.77 -16.96
CA LEU B 69 -12.07 -1.12 -17.82
C LEU B 69 -10.93 -0.17 -17.66
N GLY B 70 -11.18 0.89 -16.93
CA GLY B 70 -10.15 1.91 -16.77
C GLY B 70 -10.80 3.14 -16.21
N GLY B 71 -9.96 4.10 -15.86
CA GLY B 71 -10.41 5.38 -15.35
C GLY B 71 -9.74 5.67 -14.02
N SER B 72 -10.54 6.19 -13.09
CA SER B 72 -10.11 6.50 -11.72
C SER B 72 -9.76 5.22 -10.97
N PHE B 73 -10.33 4.11 -11.41
CA PHE B 73 -10.08 2.75 -10.91
C PHE B 73 -10.40 1.78 -12.03
N ALA B 74 -10.17 0.50 -11.82
CA ALA B 74 -10.47 -0.52 -12.80
C ALA B 74 -10.93 -1.79 -12.08
N GLY B 75 -11.63 -2.66 -12.76
CA GLY B 75 -12.01 -3.92 -12.15
C GLY B 75 -13.43 -3.79 -11.64
N LEU B 76 -13.89 -4.78 -10.90
CA LEU B 76 -15.25 -4.81 -10.43
C LEU B 76 -15.32 -3.99 -9.14
N GLU B 77 -15.71 -2.72 -9.25
CA GLU B 77 -15.83 -1.87 -8.06
C GLU B 77 -17.13 -1.09 -8.11
N PRO B 78 -18.20 -1.71 -7.63
CA PRO B 78 -19.52 -1.12 -7.78
C PRO B 78 -19.66 0.28 -7.17
N MET B 79 -18.88 0.59 -6.14
CA MET B 79 -18.96 1.91 -5.56
C MET B 79 -17.75 2.79 -5.91
N GLY B 80 -16.94 2.36 -6.86
CA GLY B 80 -15.75 3.12 -7.19
C GLY B 80 -15.99 4.59 -7.53
N LEU B 81 -17.10 4.90 -8.19
CA LEU B 81 -17.37 6.27 -8.55
C LEU B 81 -17.52 7.15 -7.30
N LEU B 82 -17.83 6.57 -6.14
CA LEU B 82 -17.84 7.35 -4.90
C LEU B 82 -16.49 7.32 -4.18
N TRP B 83 -15.99 6.12 -3.92
CA TRP B 83 -14.81 6.03 -3.08
C TRP B 83 -13.56 6.56 -3.80
N ALA B 84 -13.60 6.59 -5.13
CA ALA B 84 -12.48 7.05 -5.91
C ALA B 84 -12.56 8.53 -6.20
N LEU B 85 -13.63 9.21 -5.82
CA LEU B 85 -13.65 10.69 -5.97
C LEU B 85 -12.31 11.33 -5.47
N GLU B 86 -11.75 12.18 -6.31
CA GLU B 86 -10.51 12.92 -6.02
C GLU B 86 -10.77 14.40 -6.28
N PRO B 87 -10.21 15.28 -5.46
CA PRO B 87 -10.40 16.73 -5.62
C PRO B 87 -9.50 17.32 -6.68
N GLU B 88 -9.95 18.35 -7.39
CA GLU B 88 -9.04 19.06 -8.28
C GLU B 88 -8.10 19.91 -7.48
N LYS B 89 -8.57 20.45 -6.38
CA LYS B 89 -7.71 21.23 -5.48
C LYS B 89 -6.72 20.32 -4.71
N PRO B 90 -5.42 20.59 -4.79
CA PRO B 90 -4.49 19.69 -4.12
C PRO B 90 -4.55 19.78 -2.61
N PHE B 91 -4.29 18.64 -1.98
CA PHE B 91 -4.18 18.51 -0.53
C PHE B 91 -5.48 18.74 0.22
N TRP B 92 -6.60 18.60 -0.48
CA TRP B 92 -7.90 18.93 0.04
C TRP B 92 -8.64 17.66 0.44
N ARG B 93 -9.11 17.65 1.67
CA ARG B 93 -9.70 16.47 2.31
C ARG B 93 -11.20 16.57 2.14
N PHE B 94 -11.83 15.46 1.78
CA PHE B 94 -13.28 15.27 1.80
C PHE B 94 -13.78 15.21 3.25
N LEU B 95 -14.58 16.18 3.69
CA LEU B 95 -15.21 16.12 5.01
C LEU B 95 -16.63 16.69 4.91
N LYS B 96 -17.46 16.41 5.91
CA LYS B 96 -18.76 17.06 6.06
C LYS B 96 -18.73 17.93 7.29
N ARG B 97 -19.01 19.21 7.09
N ARG B 97 -18.89 19.24 7.15
CA ARG B 97 -18.97 20.24 8.11
CA ARG B 97 -19.03 20.09 8.35
C ARG B 97 -20.37 20.58 8.63
C ARG B 97 -20.49 20.27 8.73
N ASP B 98 -21.36 20.50 7.75
CA ASP B 98 -22.77 20.69 8.09
C ASP B 98 -23.55 19.44 7.68
N VAL B 99 -23.83 18.56 8.65
CA VAL B 99 -24.43 17.24 8.36
C VAL B 99 -25.92 17.32 8.07
N GLN B 100 -26.52 18.46 8.35
CA GLN B 100 -27.95 18.69 8.02
C GLN B 100 -28.17 18.93 6.55
N ILE B 101 -27.11 19.25 5.83
CA ILE B 101 -27.22 19.42 4.37
C ILE B 101 -26.49 18.30 3.63
N PRO B 102 -27.20 17.60 2.76
CA PRO B 102 -26.61 16.45 2.09
C PRO B 102 -25.60 16.83 0.99
N PHE B 103 -24.87 15.86 0.46
CA PHE B 103 -24.08 16.11 -0.74
C PHE B 103 -24.94 15.75 -1.93
N VAL B 104 -24.66 16.35 -3.07
CA VAL B 104 -25.35 15.99 -4.31
C VAL B 104 -24.33 15.46 -5.29
N VAL B 105 -24.46 14.18 -5.66
CA VAL B 105 -23.58 13.58 -6.60
C VAL B 105 -24.25 13.68 -7.95
N GLU B 106 -23.57 14.29 -8.91
CA GLU B 106 -24.02 14.33 -10.29
C GLU B 106 -23.40 13.15 -11.03
N LEU B 107 -24.24 12.26 -11.54
CA LEU B 107 -23.84 11.15 -12.39
C LEU B 107 -24.13 11.45 -13.87
N GLU B 108 -23.18 11.13 -14.72
CA GLU B 108 -23.32 11.29 -16.17
C GLU B 108 -22.82 10.05 -16.87
N VAL B 109 -23.56 9.66 -17.91
CA VAL B 109 -23.14 8.64 -18.85
C VAL B 109 -22.82 9.34 -20.19
N LEU B 110 -21.56 9.26 -20.60
CA LEU B 110 -21.07 9.78 -21.87
C LEU B 110 -20.67 8.66 -22.84
N ASP B 111 -20.71 8.96 -24.13
CA ASP B 111 -20.44 7.97 -25.18
C ASP B 111 -18.96 7.89 -25.47
N GLY B 112 -18.46 6.68 -25.66
CA GLY B 112 -17.04 6.48 -25.96
C GLY B 112 -16.05 6.50 -24.77
N HIS B 113 -14.77 6.32 -25.10
CA HIS B 113 -13.69 6.06 -24.16
C HIS B 113 -12.57 7.05 -24.36
N ASP B 114 -12.85 8.13 -25.07
CA ASP B 114 -11.87 9.16 -25.28
C ASP B 114 -11.76 10.04 -24.09
N PRO B 115 -10.58 10.62 -23.90
CA PRO B 115 -10.35 11.60 -22.87
C PRO B 115 -11.19 12.85 -23.13
N GLU B 116 -11.28 13.24 -24.40
CA GLU B 116 -12.30 14.20 -24.86
C GLU B 116 -13.66 13.50 -24.80
N PRO B 117 -14.46 13.82 -23.76
CA PRO B 117 -15.79 13.17 -23.57
C PRO B 117 -16.72 13.24 -24.79
N GLY B 118 -17.44 12.15 -25.05
CA GLY B 118 -18.43 12.09 -26.13
C GLY B 118 -19.71 12.79 -25.69
N ARG B 119 -20.79 12.54 -26.43
N ARG B 119 -20.80 12.57 -26.43
CA ARG B 119 -22.08 13.17 -26.16
CA ARG B 119 -22.07 13.25 -26.14
C ARG B 119 -22.74 12.63 -24.88
C ARG B 119 -22.73 12.65 -24.89
N LEU B 120 -23.50 13.49 -24.20
CA LEU B 120 -24.19 13.11 -22.97
C LEU B 120 -25.39 12.23 -23.30
N LEU B 121 -25.38 11.00 -22.83
CA LEU B 121 -26.46 10.09 -23.10
C LEU B 121 -27.52 10.23 -22.05
N CYS B 122 -27.12 10.65 -20.86
CA CYS B 122 -27.96 10.44 -19.71
C CYS B 122 -27.35 11.09 -18.47
N GLN B 123 -28.19 11.53 -17.54
CA GLN B 123 -27.73 12.06 -16.27
C GLN B 123 -28.77 12.01 -15.15
N ALA B 124 -28.26 12.23 -13.93
CA ALA B 124 -29.02 12.02 -12.72
C ALA B 124 -28.33 12.76 -11.59
N GLN B 125 -29.11 13.09 -10.59
CA GLN B 125 -28.60 13.77 -9.42
C GLN B 125 -29.00 12.93 -8.23
N HIS B 126 -28.02 12.53 -7.42
CA HIS B 126 -28.26 11.66 -6.28
C HIS B 126 -27.86 12.38 -4.99
N GLU B 127 -28.84 12.59 -4.11
CA GLU B 127 -28.59 13.20 -2.82
C GLU B 127 -28.12 12.13 -1.85
N ARG B 128 -27.01 12.43 -1.18
CA ARG B 128 -26.42 11.57 -0.17
C ARG B 128 -26.37 12.30 1.13
N HIS B 129 -27.01 11.70 2.12
CA HIS B 129 -27.30 12.34 3.36
C HIS B 129 -26.29 11.95 4.42
N PHE B 130 -26.11 12.85 5.38
CA PHE B 130 -25.33 12.58 6.55
C PHE B 130 -26.15 12.56 7.82
N LEU B 131 -27.36 13.10 7.75
CA LEU B 131 -28.26 13.07 8.87
C LEU B 131 -29.34 12.09 8.54
N PRO B 132 -29.27 10.87 9.08
CA PRO B 132 -30.26 9.85 8.69
C PRO B 132 -31.70 10.26 8.98
N PRO B 133 -32.65 9.65 8.26
CA PRO B 133 -34.04 10.09 8.39
C PRO B 133 -34.56 9.83 9.80
N GLY B 134 -35.19 10.82 10.40
CA GLY B 134 -35.74 10.65 11.73
C GLY B 134 -34.81 11.03 12.86
N VAL B 135 -33.53 11.21 12.59
CA VAL B 135 -32.56 11.46 13.65
C VAL B 135 -32.65 12.91 14.07
N TRP B 136 -32.71 13.18 15.36
CA TRP B 136 -32.84 14.55 15.85
C TRP B 136 -31.46 14.99 16.28
N ARG B 137 -31.06 16.18 15.83
CA ARG B 137 -29.78 16.72 16.15
C ARG B 137 -29.96 17.75 17.25
N GLN B 138 -29.23 17.65 18.34
CA GLN B 138 -29.36 18.62 19.41
C GLN B 138 -28.03 19.11 19.94
N SER B 139 -27.80 20.39 19.77
CA SER B 139 -26.68 21.09 20.37
C SER B 139 -26.67 20.89 21.90
N VAL B 140 -25.49 20.66 22.48
CA VAL B 140 -25.38 20.38 23.91
C VAL B 140 -24.43 21.36 24.52
N ARG B 141 -24.87 22.10 25.54
CA ARG B 141 -24.02 23.03 26.29
C ARG B 141 -24.46 22.80 27.71
N ALA B 142 -23.84 21.83 28.35
CA ALA B 142 -24.14 21.51 29.73
C ALA B 142 -22.83 21.68 30.47
N GLY B 143 -22.79 22.62 31.40
CA GLY B 143 -21.59 22.95 32.15
C GLY B 143 -20.60 23.48 31.14
N ARG B 144 -19.40 22.92 31.10
CA ARG B 144 -18.45 23.34 30.07
C ARG B 144 -18.44 22.42 28.84
N VAL B 145 -19.27 21.37 28.86
CA VAL B 145 -19.36 20.47 27.74
C VAL B 145 -19.93 21.17 26.50
N ARG B 146 -19.15 21.17 25.42
CA ARG B 146 -19.63 21.57 24.10
C ARG B 146 -19.64 20.36 23.14
N ALA B 147 -20.83 19.97 22.69
CA ALA B 147 -21.01 18.74 21.93
C ALA B 147 -22.32 18.79 21.14
N THR B 148 -22.54 17.79 20.28
CA THR B 148 -23.82 17.63 19.62
C THR B 148 -24.30 16.19 19.76
N LEU B 149 -25.53 16.07 20.21
CA LEU B 149 -26.15 14.82 20.53
C LEU B 149 -27.00 14.47 19.35
N PHE B 150 -26.96 13.22 18.94
CA PHE B 150 -27.85 12.72 17.90
C PHE B 150 -28.67 11.57 18.45
N LEU B 151 -29.99 11.69 18.35
CA LEU B 151 -30.89 10.66 18.81
C LEU B 151 -31.57 9.95 17.67
N PRO B 152 -31.53 8.61 17.68
CA PRO B 152 -32.36 7.91 16.70
C PRO B 152 -33.84 8.27 16.81
N PRO B 153 -34.63 8.04 15.75
CA PRO B 153 -36.09 8.17 15.86
C PRO B 153 -36.67 7.27 16.94
N GLY B 154 -37.66 7.77 17.65
CA GLY B 154 -38.47 6.93 18.49
C GLY B 154 -38.24 7.33 19.92
N PRO B 155 -38.92 6.68 20.85
CA PRO B 155 -38.79 7.09 22.24
C PRO B 155 -37.47 6.75 22.89
N GLY B 156 -36.84 5.67 22.45
CA GLY B 156 -35.72 5.12 23.20
C GLY B 156 -36.21 4.40 24.45
N PRO B 157 -35.32 4.20 25.42
CA PRO B 157 -33.93 4.65 25.48
C PRO B 157 -33.02 3.93 24.49
N PHE B 158 -31.89 4.53 24.20
CA PHE B 158 -30.99 4.03 23.17
C PHE B 158 -29.61 3.81 23.78
N PRO B 159 -28.90 2.77 23.32
CA PRO B 159 -27.55 2.65 23.81
C PRO B 159 -26.74 3.82 23.30
N GLY B 160 -25.90 4.36 24.12
CA GLY B 160 -25.23 5.59 23.85
C GLY B 160 -23.74 5.41 23.60
N ILE B 161 -23.18 6.26 22.73
CA ILE B 161 -21.78 6.26 22.36
C ILE B 161 -21.25 7.70 22.32
N ILE B 162 -20.03 7.90 22.84
CA ILE B 162 -19.40 9.20 22.72
C ILE B 162 -18.29 9.07 21.74
N ASP B 163 -18.29 10.01 20.79
CA ASP B 163 -17.42 10.05 19.63
C ASP B 163 -16.42 11.20 19.69
N ILE B 164 -15.13 10.89 19.57
CA ILE B 164 -14.06 11.85 19.78
C ILE B 164 -13.01 11.71 18.68
N PHE B 165 -12.77 12.80 17.98
CA PHE B 165 -11.75 12.89 16.96
C PHE B 165 -10.41 13.26 17.56
N GLY B 166 -9.39 13.20 16.74
CA GLY B 166 -8.09 13.57 17.12
C GLY B 166 -7.77 15.02 16.80
N ILE B 167 -6.49 15.27 16.72
CA ILE B 167 -5.94 16.57 16.48
C ILE B 167 -6.66 17.26 15.33
N GLY B 168 -6.95 18.54 15.53
CA GLY B 168 -7.69 19.28 14.54
C GLY B 168 -8.58 20.22 15.26
N GLY B 169 -9.23 19.76 16.31
CA GLY B 169 -10.11 20.63 17.05
C GLY B 169 -11.39 20.91 16.28
N GLY B 170 -12.23 21.75 16.86
CA GLY B 170 -13.56 21.99 16.33
C GLY B 170 -14.44 20.82 16.70
N LEU B 171 -15.58 20.74 16.04
CA LEU B 171 -16.64 19.80 16.30
C LEU B 171 -17.06 19.18 14.98
N LEU B 172 -16.48 18.04 14.64
CA LEU B 172 -16.87 17.27 13.47
C LEU B 172 -17.91 16.23 13.84
N GLU B 173 -19.04 16.24 13.15
CA GLU B 173 -20.23 15.53 13.60
C GLU B 173 -20.55 14.34 12.76
N TYR B 174 -19.83 14.13 11.67
CA TYR B 174 -20.33 13.20 10.66
C TYR B 174 -20.33 11.73 11.03
N ARG B 175 -19.44 11.33 11.94
N ARG B 175 -19.47 11.32 11.97
CA ARG B 175 -19.45 9.96 12.42
CA ARG B 175 -19.47 9.92 12.39
C ARG B 175 -20.63 9.73 13.31
C ARG B 175 -20.55 9.66 13.41
N ALA B 176 -20.82 10.62 14.28
CA ALA B 176 -21.93 10.49 15.22
C ALA B 176 -23.27 10.47 14.52
N SER B 177 -23.46 11.30 13.51
CA SER B 177 -24.78 11.40 12.88
C SER B 177 -25.10 10.14 12.11
N LEU B 178 -24.12 9.64 11.37
CA LEU B 178 -24.27 8.33 10.72
C LEU B 178 -24.52 7.16 11.66
N LEU B 179 -23.84 7.11 12.82
CA LEU B 179 -24.10 6.06 13.80
C LEU B 179 -25.51 6.07 14.39
N ALA B 180 -26.04 7.26 14.57
CA ALA B 180 -27.39 7.46 15.07
C ALA B 180 -28.37 6.74 14.17
N GLY B 181 -28.04 6.63 12.89
CA GLY B 181 -28.83 5.86 11.93
C GLY B 181 -28.99 4.41 12.28
N HIS B 182 -28.04 3.83 13.02
CA HIS B 182 -28.09 2.40 13.33
C HIS B 182 -28.67 2.16 14.73
N GLY B 183 -29.32 3.16 15.31
CA GLY B 183 -29.91 2.97 16.59
C GLY B 183 -29.10 3.34 17.81
N PHE B 184 -27.98 4.01 17.67
CA PHE B 184 -27.25 4.49 18.82
C PHE B 184 -27.49 5.97 19.06
N ALA B 185 -27.61 6.38 20.32
CA ALA B 185 -27.58 7.81 20.67
C ALA B 185 -26.13 8.21 20.78
N THR B 186 -25.72 9.25 20.06
CA THR B 186 -24.31 9.51 19.91
C THR B 186 -24.00 10.94 20.18
N LEU B 187 -22.85 11.17 20.79
CA LEU B 187 -22.40 12.48 21.14
C LEU B 187 -21.08 12.77 20.43
N ALA B 188 -21.13 13.75 19.53
CA ALA B 188 -19.97 14.33 18.92
C ALA B 188 -19.42 15.32 19.93
N LEU B 189 -18.23 15.02 20.48
CA LEU B 189 -17.69 15.81 21.56
C LEU B 189 -16.50 16.69 21.13
N ALA B 190 -16.67 18.01 21.26
CA ALA B 190 -15.56 18.96 21.04
C ALA B 190 -14.72 19.02 22.27
N TYR B 191 -13.45 19.33 22.10
CA TYR B 191 -12.62 19.53 23.26
C TYR B 191 -11.58 20.62 23.13
N TYR B 192 -11.33 21.12 21.93
CA TYR B 192 -10.57 22.31 21.81
C TYR B 192 -10.81 22.99 20.50
N ASN B 193 -10.52 24.28 20.50
CA ASN B 193 -10.65 25.12 19.34
C ASN B 193 -12.08 25.13 18.86
N PHE B 194 -12.98 25.34 19.80
CA PHE B 194 -14.41 25.39 19.52
C PHE B 194 -15.11 26.20 20.60
N GLU B 195 -15.82 27.24 20.18
CA GLU B 195 -16.43 28.20 21.09
C GLU B 195 -15.45 28.58 22.21
N ASP B 196 -15.87 28.41 23.47
CA ASP B 196 -15.10 28.86 24.63
C ASP B 196 -14.16 27.79 25.21
N LEU B 197 -13.96 26.71 24.46
CA LEU B 197 -13.01 25.68 24.84
C LEU B 197 -11.62 26.26 24.68
N PRO B 198 -10.62 25.61 25.31
CA PRO B 198 -9.24 26.03 25.12
C PRO B 198 -8.84 26.17 23.63
N ASN B 199 -8.34 27.35 23.30
CA ASN B 199 -7.51 27.64 22.13
C ASN B 199 -6.69 26.47 21.57
N ASN B 200 -6.04 25.70 22.45
CA ASN B 200 -5.09 24.68 22.01
C ASN B 200 -5.02 23.38 22.83
N MET B 201 -4.10 22.51 22.43
CA MET B 201 -3.96 21.18 23.02
C MET B 201 -2.73 21.05 23.90
N ASP B 202 -2.83 21.62 25.10
CA ASP B 202 -1.67 21.77 25.97
C ASP B 202 -1.72 20.86 27.17
N ASN B 203 -2.93 20.57 27.64
CA ASN B 203 -3.13 19.60 28.70
C ASN B 203 -4.42 18.83 28.41
N ILE B 204 -4.38 17.51 28.61
CA ILE B 204 -5.60 16.69 28.55
C ILE B 204 -6.08 16.38 29.97
N SER B 205 -7.18 16.99 30.37
CA SER B 205 -7.73 16.76 31.70
C SER B 205 -9.01 15.98 31.55
N LEU B 206 -9.03 14.78 32.11
CA LEU B 206 -10.11 13.85 31.92
C LEU B 206 -11.41 14.29 32.59
N GLU B 207 -11.32 15.35 33.41
CA GLU B 207 -12.49 15.88 34.13
C GLU B 207 -13.55 16.36 33.15
N TYR B 208 -13.12 17.04 32.09
CA TYR B 208 -14.07 17.46 31.06
C TYR B 208 -14.82 16.26 30.43
N PHE B 209 -14.09 15.17 30.15
CA PHE B 209 -14.65 14.02 29.44
C PHE B 209 -15.56 13.28 30.38
N GLU B 210 -15.25 13.37 31.66
CA GLU B 210 -16.12 12.82 32.68
C GLU B 210 -17.48 13.50 32.72
N GLU B 211 -17.53 14.82 32.56
CA GLU B 211 -18.81 15.53 32.50
C GLU B 211 -19.64 15.11 31.29
N ALA B 212 -18.97 14.89 30.15
CA ALA B 212 -19.66 14.36 28.96
C ALA B 212 -20.27 13.00 29.25
N VAL B 213 -19.55 12.11 29.91
CA VAL B 213 -20.14 10.79 30.27
C VAL B 213 -21.33 10.94 31.19
N CYS B 214 -21.16 11.80 32.19
N CYS B 214 -21.16 11.81 32.19
CA CYS B 214 -22.22 12.11 33.15
CA CYS B 214 -22.21 12.18 33.13
C CYS B 214 -23.45 12.72 32.44
C CYS B 214 -23.44 12.68 32.39
N TYR B 215 -23.23 13.66 31.51
CA TYR B 215 -24.32 14.17 30.69
C TYR B 215 -25.03 13.07 29.94
N MET B 216 -24.28 12.13 29.36
CA MET B 216 -24.93 11.08 28.57
C MET B 216 -25.71 10.13 29.43
N LEU B 217 -25.14 9.75 30.58
CA LEU B 217 -25.88 8.84 31.46
C LEU B 217 -27.14 9.45 32.10
N GLN B 218 -27.22 10.76 32.21
CA GLN B 218 -28.33 11.38 32.89
C GLN B 218 -29.40 11.73 31.89
N HIS B 219 -29.10 11.52 30.62
CA HIS B 219 -30.04 11.84 29.59
C HIS B 219 -31.11 10.78 29.62
N PRO B 220 -32.39 11.23 29.63
CA PRO B 220 -33.53 10.32 29.82
C PRO B 220 -33.72 9.28 28.74
N GLN B 221 -33.14 9.52 27.56
CA GLN B 221 -33.23 8.62 26.42
C GLN B 221 -31.93 7.84 26.12
N VAL B 222 -30.98 7.82 27.06
CA VAL B 222 -29.77 7.05 26.93
C VAL B 222 -29.86 5.88 27.88
N LYS B 223 -29.81 4.66 27.36
CA LYS B 223 -30.04 3.43 28.15
C LYS B 223 -29.13 3.32 29.35
N GLY B 224 -27.83 3.29 29.11
CA GLY B 224 -26.93 2.80 30.18
C GLY B 224 -27.09 1.29 30.40
N PRO B 225 -26.48 0.74 31.47
CA PRO B 225 -25.80 1.38 32.61
C PRO B 225 -24.49 2.09 32.28
N GLY B 226 -23.77 1.69 31.25
CA GLY B 226 -22.59 2.46 30.85
C GLY B 226 -22.62 2.96 29.42
N ILE B 227 -21.58 3.72 29.04
CA ILE B 227 -21.46 4.35 27.71
C ILE B 227 -20.38 3.69 26.81
N GLY B 228 -20.65 3.65 25.50
CA GLY B 228 -19.63 3.29 24.51
C GLY B 228 -18.72 4.47 24.21
N LEU B 229 -17.43 4.23 23.99
CA LEU B 229 -16.52 5.28 23.56
C LEU B 229 -15.88 4.92 22.22
N LEU B 230 -15.93 5.85 21.25
CA LEU B 230 -15.34 5.66 19.94
C LEU B 230 -14.44 6.83 19.56
N GLY B 231 -13.16 6.56 19.31
CA GLY B 231 -12.19 7.56 19.03
C GLY B 231 -11.20 7.14 17.98
N ILE B 232 -10.58 8.13 17.35
CA ILE B 232 -9.57 7.95 16.33
C ILE B 232 -8.38 8.84 16.68
N SER B 233 -7.18 8.31 16.49
CA SER B 233 -5.94 9.06 16.63
C SER B 233 -5.81 9.52 18.11
N LEU B 234 -5.50 10.77 18.36
CA LEU B 234 -5.53 11.29 19.72
C LEU B 234 -6.82 11.02 20.47
N GLY B 235 -7.95 11.13 19.76
CA GLY B 235 -9.24 10.69 20.30
C GLY B 235 -9.28 9.25 20.82
N ALA B 236 -8.57 8.34 20.18
CA ALA B 236 -8.52 6.95 20.64
C ALA B 236 -7.78 6.91 22.00
N ASP B 237 -6.75 7.72 22.15
CA ASP B 237 -5.97 7.75 23.38
C ASP B 237 -6.80 8.35 24.52
N ILE B 238 -7.59 9.37 24.20
CA ILE B 238 -8.48 9.96 25.17
C ILE B 238 -9.48 8.90 25.57
N CYS B 239 -10.00 8.14 24.59
CA CYS B 239 -10.98 7.12 24.93
C CYS B 239 -10.38 6.04 25.82
N LEU B 240 -9.14 5.63 25.56
CA LEU B 240 -8.50 4.60 26.34
C LEU B 240 -8.23 5.15 27.76
N SER B 241 -7.77 6.36 27.86
CA SER B 241 -7.59 7.00 29.16
C SER B 241 -8.90 7.06 29.93
N MET B 242 -9.97 7.56 29.28
CA MET B 242 -11.30 7.55 29.90
C MET B 242 -11.65 6.15 30.36
N ALA B 243 -11.36 5.14 29.53
CA ALA B 243 -11.76 3.78 29.95
C ALA B 243 -10.98 3.37 31.24
N SER B 244 -9.76 3.85 31.35
CA SER B 244 -8.89 3.44 32.44
C SER B 244 -9.23 4.16 33.75
N PHE B 245 -9.63 5.45 33.67
CA PHE B 245 -9.84 6.29 34.86
C PHE B 245 -11.29 6.57 35.28
N LEU B 246 -12.24 6.44 34.36
CA LEU B 246 -13.60 6.88 34.60
C LEU B 246 -14.51 5.72 34.81
N LYS B 247 -15.61 6.00 35.49
CA LYS B 247 -16.63 4.95 35.77
C LYS B 247 -17.63 4.86 34.64
N ASN B 248 -18.31 3.74 34.54
CA ASN B 248 -19.45 3.61 33.66
C ASN B 248 -19.09 3.62 32.15
N VAL B 249 -17.86 3.18 31.83
CA VAL B 249 -17.49 2.85 30.45
C VAL B 249 -17.68 1.37 30.18
N SER B 250 -18.62 1.05 29.31
CA SER B 250 -18.94 -0.31 28.96
C SER B 250 -18.07 -0.90 27.85
N ALA B 251 -17.63 -0.10 26.88
CA ALA B 251 -16.91 -0.65 25.69
C ALA B 251 -16.12 0.45 24.97
N THR B 252 -14.92 0.15 24.51
CA THR B 252 -14.09 1.14 23.85
C THR B 252 -13.60 0.68 22.49
N VAL B 253 -13.71 1.57 21.50
CA VAL B 253 -13.16 1.32 20.19
C VAL B 253 -12.12 2.34 19.95
N SER B 254 -10.89 1.89 19.74
CA SER B 254 -9.79 2.75 19.38
C SER B 254 -9.39 2.51 17.94
N ILE B 255 -9.41 3.57 17.13
CA ILE B 255 -8.94 3.57 15.73
C ILE B 255 -7.61 4.25 15.60
N ASN B 256 -6.58 3.47 15.26
CA ASN B 256 -5.24 4.03 15.11
C ASN B 256 -4.86 4.89 16.34
N GLY B 257 -5.14 4.35 17.51
CA GLY B 257 -4.66 4.95 18.75
C GLY B 257 -3.20 4.56 18.99
N SER B 258 -2.59 5.19 19.99
CA SER B 258 -1.21 4.88 20.40
C SER B 258 -1.16 4.19 21.77
N GLY B 259 -2.16 4.46 22.63
CA GLY B 259 -2.22 3.91 23.98
C GLY B 259 -1.16 4.47 24.91
N ILE B 260 -0.67 5.65 24.56
CA ILE B 260 0.51 6.26 25.13
C ILE B 260 0.21 7.75 25.29
N SER B 261 0.66 8.30 26.41
CA SER B 261 0.78 9.71 26.54
C SER B 261 1.95 10.11 25.68
N GLY B 262 1.66 10.86 24.62
CA GLY B 262 2.64 11.28 23.62
C GLY B 262 3.19 12.68 23.78
N ASN B 263 2.42 13.67 23.36
CA ASN B 263 2.87 15.08 23.34
C ASN B 263 2.50 15.78 24.62
N THR B 264 1.35 15.39 25.19
CA THR B 264 0.80 16.08 26.35
C THR B 264 0.51 15.08 27.46
N ALA B 265 0.80 15.47 28.70
CA ALA B 265 0.45 14.69 29.87
C ALA B 265 -1.02 14.42 29.82
N ILE B 266 -1.41 13.25 30.33
CA ILE B 266 -2.81 12.93 30.52
C ILE B 266 -3.14 12.98 32.04
N ASN B 267 -4.01 13.90 32.45
CA ASN B 267 -4.26 14.15 33.90
C ASN B 267 -5.66 13.74 34.33
N TYR B 268 -5.79 13.22 35.54
CA TYR B 268 -7.10 13.05 36.16
C TYR B 268 -6.91 13.08 37.69
N LYS B 269 -7.54 14.08 38.32
CA LYS B 269 -7.34 14.40 39.73
C LYS B 269 -5.85 14.47 39.97
N HIS B 270 -5.27 13.54 40.72
CA HIS B 270 -3.83 13.64 40.94
C HIS B 270 -3.00 12.51 40.29
N SER B 271 -3.61 11.72 39.40
CA SER B 271 -2.83 10.85 38.53
C SER B 271 -2.46 11.64 37.26
N SER B 272 -1.24 11.49 36.78
CA SER B 272 -0.89 11.96 35.46
C SER B 272 0.04 10.99 34.74
N ILE B 273 -0.21 10.78 33.45
CA ILE B 273 0.64 9.93 32.61
C ILE B 273 1.62 10.85 31.90
N PRO B 274 2.93 10.68 32.16
CA PRO B 274 3.91 11.58 31.54
C PRO B 274 4.06 11.39 30.01
N PRO B 275 4.36 12.48 29.27
CA PRO B 275 4.56 12.36 27.84
C PRO B 275 5.82 11.58 27.45
N LEU B 276 5.69 10.75 26.42
CA LEU B 276 6.87 10.07 25.86
C LEU B 276 7.68 11.05 25.07
N GLY B 277 7.02 11.89 24.29
CA GLY B 277 7.68 12.94 23.54
C GLY B 277 7.89 12.59 22.08
N TYR B 278 8.38 13.58 21.34
CA TYR B 278 8.74 13.41 19.95
C TYR B 278 9.97 14.26 19.64
N ASP B 279 10.56 14.06 18.47
CA ASP B 279 11.69 14.86 18.04
C ASP B 279 11.62 15.02 16.54
N LEU B 280 11.33 16.25 16.10
CA LEU B 280 11.08 16.53 14.70
C LEU B 280 12.33 16.38 13.80
N ARG B 281 13.50 16.19 14.39
CA ARG B 281 14.67 15.89 13.59
C ARG B 281 14.60 14.51 12.91
N ARG B 282 13.65 13.67 13.28
CA ARG B 282 13.46 12.35 12.68
C ARG B 282 12.45 12.37 11.54
N ILE B 283 11.94 13.55 11.23
CA ILE B 283 11.17 13.76 10.02
C ILE B 283 12.00 13.32 8.83
N LYS B 284 11.36 12.64 7.87
CA LYS B 284 11.98 12.35 6.58
C LYS B 284 11.17 12.93 5.47
N VAL B 285 11.86 13.40 4.43
CA VAL B 285 11.22 13.92 3.26
C VAL B 285 11.32 12.89 2.14
N ALA B 286 10.17 12.43 1.61
CA ALA B 286 10.12 11.44 0.54
C ALA B 286 10.46 12.02 -0.80
N PHE B 287 10.72 11.13 -1.76
CA PHE B 287 10.96 11.51 -3.15
C PHE B 287 9.90 12.50 -3.63
N SER B 288 8.66 12.30 -3.18
CA SER B 288 7.56 13.14 -3.60
C SER B 288 7.69 14.56 -3.08
N GLY B 289 8.57 14.78 -2.10
CA GLY B 289 8.74 16.08 -1.47
C GLY B 289 7.83 16.32 -0.29
N LEU B 290 6.95 15.36 -0.02
CA LEU B 290 6.02 15.39 1.10
C LEU B 290 6.74 14.91 2.36
N VAL B 291 6.23 15.33 3.50
CA VAL B 291 6.85 14.99 4.80
C VAL B 291 6.21 13.75 5.42
N ASP B 292 7.08 12.88 5.92
CA ASP B 292 6.73 11.66 6.60
C ASP B 292 7.15 11.81 8.08
N ILE B 293 6.18 11.78 8.97
CA ILE B 293 6.45 12.02 10.37
C ILE B 293 6.35 10.74 11.19
N VAL B 294 6.40 9.60 10.55
CA VAL B 294 6.01 8.36 11.19
C VAL B 294 7.03 7.99 12.26
N ASP B 295 8.25 8.50 12.15
CA ASP B 295 9.32 8.09 13.07
C ASP B 295 9.66 9.15 14.10
N ILE B 296 8.87 10.22 14.26
CA ILE B 296 9.25 11.32 15.16
C ILE B 296 9.12 11.03 16.65
N ARG B 297 8.26 10.10 17.05
CA ARG B 297 8.11 9.84 18.48
C ARG B 297 9.35 9.14 19.06
N ASN B 298 9.61 9.42 20.35
CA ASN B 298 10.68 8.77 21.10
C ASN B 298 10.35 7.30 21.30
N ALA B 299 11.39 6.50 21.56
CA ALA B 299 11.26 5.06 21.58
C ALA B 299 10.43 4.61 22.78
N LEU B 300 9.66 3.55 22.59
CA LEU B 300 8.83 3.02 23.66
C LEU B 300 9.70 2.00 24.39
N VAL B 301 10.78 2.50 24.99
CA VAL B 301 11.70 1.63 25.75
C VAL B 301 10.99 0.92 26.90
N GLY B 302 11.26 -0.35 27.07
CA GLY B 302 10.50 -1.15 28.05
C GLY B 302 9.18 -1.67 27.53
N GLY B 303 8.79 -1.26 26.30
CA GLY B 303 7.50 -1.65 25.74
C GLY B 303 6.33 -1.29 26.68
N TYR B 304 5.52 -2.28 27.01
CA TYR B 304 4.35 -2.06 27.87
C TYR B 304 4.63 -1.65 29.30
N LYS B 305 5.88 -1.78 29.78
CA LYS B 305 6.24 -1.22 31.08
C LYS B 305 6.59 0.26 31.05
N ASN B 306 6.75 0.83 29.88
CA ASN B 306 7.08 2.23 29.80
C ASN B 306 6.18 3.09 30.68
N PRO B 307 6.76 4.09 31.35
CA PRO B 307 5.90 4.93 32.18
C PRO B 307 4.85 5.75 31.41
N SER B 308 4.99 5.98 30.12
CA SER B 308 4.04 6.82 29.37
C SER B 308 2.82 6.04 28.93
N MET B 309 2.74 4.80 29.34
CA MET B 309 1.70 3.90 28.94
C MET B 309 0.39 4.23 29.67
N ILE B 310 -0.72 4.17 28.95
CA ILE B 310 -2.02 4.32 29.53
C ILE B 310 -2.40 3.02 30.23
N PRO B 311 -2.78 3.10 31.55
CA PRO B 311 -2.97 1.93 32.40
C PRO B 311 -4.28 1.26 32.11
N ILE B 312 -4.37 0.77 30.90
CA ILE B 312 -5.56 0.21 30.31
C ILE B 312 -6.06 -1.07 31.01
N GLU B 313 -5.20 -1.70 31.83
CA GLU B 313 -5.63 -2.83 32.69
C GLU B 313 -6.70 -2.45 33.71
N LYS B 314 -6.82 -1.16 34.02
CA LYS B 314 -7.89 -0.70 34.91
C LYS B 314 -9.26 -0.68 34.24
N ALA B 315 -9.34 -0.81 32.90
CA ALA B 315 -10.65 -0.74 32.25
C ALA B 315 -11.48 -1.98 32.61
N GLN B 316 -12.78 -1.77 32.85
CA GLN B 316 -13.71 -2.82 33.32
C GLN B 316 -14.22 -3.58 32.15
N GLY B 317 -14.24 -2.94 30.98
CA GLY B 317 -14.95 -3.50 29.82
C GLY B 317 -14.09 -3.80 28.61
N PRO B 318 -14.72 -4.36 27.56
CA PRO B 318 -14.00 -4.79 26.38
C PRO B 318 -13.41 -3.62 25.56
N ILE B 319 -12.36 -3.95 24.82
CA ILE B 319 -11.58 -2.99 24.02
C ILE B 319 -11.36 -3.57 22.62
N LEU B 320 -11.62 -2.78 21.60
CA LEU B 320 -11.45 -3.14 20.20
C LEU B 320 -10.45 -2.17 19.65
N LEU B 321 -9.39 -2.70 19.05
CA LEU B 321 -8.32 -1.93 18.49
C LEU B 321 -8.35 -2.11 17.00
N ILE B 322 -8.60 -1.03 16.29
CA ILE B 322 -8.64 -1.03 14.83
C ILE B 322 -7.40 -0.35 14.38
N VAL B 323 -6.78 -0.92 13.36
CA VAL B 323 -5.45 -0.54 12.95
C VAL B 323 -5.30 -0.50 11.45
N GLY B 324 -4.74 0.58 10.95
CA GLY B 324 -4.31 0.62 9.55
C GLY B 324 -2.84 0.40 9.43
N GLN B 325 -2.47 -0.66 8.75
CA GLN B 325 -1.07 -1.05 8.68
C GLN B 325 -0.15 -0.10 7.90
N ASP B 326 -0.70 0.81 7.09
CA ASP B 326 0.13 1.75 6.37
C ASP B 326 0.04 3.13 7.00
N ASP B 327 -0.38 3.19 8.28
CA ASP B 327 -0.51 4.46 8.96
C ASP B 327 0.85 5.12 8.96
N HIS B 328 0.90 6.34 8.43
CA HIS B 328 2.11 7.12 8.40
C HIS B 328 2.11 8.29 9.40
N ASN B 329 1.04 8.46 10.16
CA ASN B 329 1.05 9.38 11.26
C ASN B 329 1.91 8.82 12.39
N TRP B 330 1.63 7.57 12.76
CA TRP B 330 2.43 6.91 13.76
C TRP B 330 2.22 5.42 13.63
N ARG B 331 2.94 4.63 14.44
CA ARG B 331 3.03 3.19 14.23
C ARG B 331 1.98 2.43 14.96
N SER B 332 0.76 2.58 14.46
CA SER B 332 -0.44 2.17 15.16
C SER B 332 -0.46 0.70 15.45
N GLU B 333 0.05 -0.11 14.51
CA GLU B 333 0.06 -1.55 14.65
C GLU B 333 0.99 -2.01 15.81
N LEU B 334 2.14 -1.38 15.93
N LEU B 334 2.15 -1.33 15.90
CA LEU B 334 3.07 -1.68 17.04
CA LEU B 334 3.10 -1.57 16.98
C LEU B 334 2.47 -1.29 18.40
C LEU B 334 2.49 -1.23 18.33
N TYR B 335 1.82 -0.12 18.40
CA TYR B 335 1.13 0.36 19.61
C TYR B 335 -0.01 -0.57 20.01
N ALA B 336 -0.78 -1.06 19.04
CA ALA B 336 -1.87 -1.99 19.38
C ALA B 336 -1.29 -3.24 20.03
N GLN B 337 -0.20 -3.78 19.50
CA GLN B 337 0.38 -4.99 20.12
C GLN B 337 0.92 -4.76 21.52
N THR B 338 1.55 -3.59 21.74
CA THR B 338 1.98 -3.19 23.04
C THR B 338 0.78 -3.11 23.94
N VAL B 339 -0.25 -2.39 23.55
CA VAL B 339 -1.47 -2.36 24.40
C VAL B 339 -1.93 -3.77 24.78
N SER B 340 -1.92 -4.66 23.80
CA SER B 340 -2.37 -6.04 24.00
C SER B 340 -1.50 -6.75 25.02
N GLU B 341 -0.20 -6.54 24.88
CA GLU B 341 0.76 -7.06 25.81
C GLU B 341 0.57 -6.52 27.24
N ARG B 342 0.34 -5.22 27.40
CA ARG B 342 0.05 -4.70 28.74
C ARG B 342 -1.13 -5.40 29.39
N LEU B 343 -2.22 -5.57 28.64
CA LEU B 343 -3.41 -6.21 29.17
C LEU B 343 -3.15 -7.64 29.61
N GLN B 344 -2.45 -8.39 28.78
CA GLN B 344 -2.18 -9.81 29.07
C GLN B 344 -1.28 -9.97 30.30
N ALA B 345 -0.29 -9.09 30.40
CA ALA B 345 0.68 -9.15 31.48
C ALA B 345 -0.04 -8.96 32.81
N HIS B 346 -1.18 -8.24 32.74
CA HIS B 346 -1.97 -7.84 33.90
C HIS B 346 -3.16 -8.70 34.11
N GLY B 347 -3.18 -9.83 33.42
CA GLY B 347 -4.17 -10.86 33.63
C GLY B 347 -5.50 -10.55 32.98
N LYS B 348 -5.55 -9.51 32.17
CA LYS B 348 -6.80 -9.13 31.53
C LYS B 348 -6.88 -9.83 30.20
N GLU B 349 -8.10 -9.95 29.66
CA GLU B 349 -8.32 -10.56 28.33
C GLU B 349 -7.60 -9.82 27.21
N LYS B 350 -7.09 -10.56 26.23
CA LYS B 350 -6.50 -10.04 25.01
C LYS B 350 -7.55 -9.17 24.24
N PRO B 351 -7.20 -7.94 23.83
CA PRO B 351 -8.17 -7.17 23.06
C PRO B 351 -8.29 -7.72 21.66
N GLN B 352 -9.48 -7.65 21.08
CA GLN B 352 -9.57 -7.83 19.64
C GLN B 352 -8.81 -6.71 18.91
N ILE B 353 -7.93 -7.12 18.01
CA ILE B 353 -7.20 -6.22 17.15
C ILE B 353 -7.57 -6.58 15.72
N ILE B 354 -7.97 -5.58 14.92
CA ILE B 354 -8.20 -5.76 13.46
C ILE B 354 -7.26 -4.89 12.69
N CYS B 355 -6.38 -5.54 11.95
CA CYS B 355 -5.31 -4.93 11.18
C CYS B 355 -5.73 -4.96 9.72
N TYR B 356 -5.64 -3.81 9.06
CA TYR B 356 -6.10 -3.64 7.69
C TYR B 356 -4.91 -3.25 6.86
N PRO B 357 -4.54 -4.06 5.85
CA PRO B 357 -3.43 -3.77 4.96
C PRO B 357 -3.78 -2.67 4.00
N GLY B 358 -2.78 -1.91 3.58
CA GLY B 358 -2.95 -0.83 2.63
C GLY B 358 -3.78 0.34 3.16
N THR B 359 -3.87 0.47 4.48
CA THR B 359 -4.82 1.40 5.12
C THR B 359 -4.04 2.36 5.98
N GLY B 360 -4.24 3.66 5.74
CA GLY B 360 -3.55 4.73 6.41
C GLY B 360 -4.16 5.19 7.71
N HIS B 361 -3.72 6.35 8.16
CA HIS B 361 -4.12 6.85 9.48
C HIS B 361 -5.63 7.18 9.63
N TYR B 362 -6.21 7.78 8.59
CA TYR B 362 -7.57 8.32 8.65
C TYR B 362 -8.60 7.33 8.12
N ILE B 363 -9.04 6.45 8.99
CA ILE B 363 -10.02 5.47 8.65
C ILE B 363 -11.34 6.14 8.95
N GLU B 364 -11.98 6.62 7.92
CA GLU B 364 -13.25 7.33 7.99
C GLU B 364 -14.41 6.34 7.75
N PRO B 365 -15.65 6.83 7.80
CA PRO B 365 -16.77 5.98 7.47
C PRO B 365 -16.80 5.55 5.98
N PRO B 366 -17.62 4.55 5.66
CA PRO B 366 -17.57 3.91 4.35
C PRO B 366 -17.79 4.92 3.22
N TYR B 367 -16.91 4.81 2.22
CA TYR B 367 -16.94 5.58 0.97
C TYR B 367 -16.47 6.99 1.08
N PHE B 368 -15.87 7.36 2.21
CA PHE B 368 -15.13 8.60 2.29
C PHE B 368 -13.81 8.46 1.55
N PRO B 369 -13.60 9.25 0.49
CA PRO B 369 -12.41 9.11 -0.29
C PRO B 369 -11.15 9.37 0.51
N LEU B 370 -10.08 8.64 0.19
CA LEU B 370 -8.81 8.74 0.86
C LEU B 370 -8.14 10.06 0.46
N CYS B 371 -7.68 10.82 1.47
CA CYS B 371 -6.76 11.97 1.28
C CYS B 371 -5.35 11.55 1.61
N PRO B 372 -4.49 11.35 0.59
CA PRO B 372 -3.16 10.77 0.87
C PRO B 372 -2.18 11.68 1.56
N ALA B 373 -2.38 12.98 1.42
CA ALA B 373 -1.50 13.95 2.05
C ALA B 373 -2.25 15.27 2.27
N SER B 374 -1.94 15.97 3.35
CA SER B 374 -2.54 17.29 3.60
C SER B 374 -1.68 18.13 4.56
N LEU B 375 -2.07 19.39 4.74
CA LEU B 375 -1.34 20.31 5.61
C LEU B 375 -1.52 19.88 7.05
N HIS B 376 -0.43 19.55 7.67
CA HIS B 376 -0.40 19.34 9.08
C HIS B 376 -0.28 20.78 9.59
N ARG B 377 -1.20 21.15 10.47
CA ARG B 377 -1.36 22.57 10.88
C ARG B 377 -0.26 22.99 11.86
N LEU B 378 -0.01 22.16 12.89
CA LEU B 378 1.12 22.31 13.84
C LEU B 378 2.48 22.54 13.18
N LEU B 379 2.81 21.76 12.14
CA LEU B 379 4.08 21.91 11.40
C LEU B 379 3.97 22.88 10.23
N ASN B 380 2.74 23.15 9.79
CA ASN B 380 2.52 23.96 8.59
C ASN B 380 3.31 23.36 7.42
N LYS B 381 3.30 22.04 7.35
CA LYS B 381 3.85 21.30 6.20
C LYS B 381 2.82 20.28 5.70
N HIS B 382 2.97 19.94 4.44
CA HIS B 382 2.17 18.90 3.84
C HIS B 382 2.68 17.52 4.27
N VAL B 383 1.81 16.72 4.83
CA VAL B 383 2.22 15.48 5.45
C VAL B 383 1.45 14.30 4.85
N ILE B 384 2.13 13.17 4.66
CA ILE B 384 1.48 11.96 4.19
C ILE B 384 0.90 11.06 5.30
N TRP B 385 -0.28 10.54 5.02
CA TRP B 385 -1.05 9.82 5.99
C TRP B 385 -1.09 8.35 5.78
N GLY B 386 -0.63 7.90 4.60
CA GLY B 386 -0.61 6.50 4.24
C GLY B 386 -1.93 6.03 3.69
N GLY B 387 -1.91 4.88 3.05
CA GLY B 387 -3.13 4.26 2.49
C GLY B 387 -3.07 4.13 0.98
N GLU B 388 -3.74 3.11 0.46
CA GLU B 388 -3.90 2.91 -0.95
C GLU B 388 -5.39 2.96 -1.15
N PRO B 389 -5.84 3.68 -2.19
CA PRO B 389 -7.29 3.94 -2.30
C PRO B 389 -8.19 2.69 -2.16
N ARG B 390 -7.93 1.67 -2.96
CA ARG B 390 -8.81 0.54 -2.92
C ARG B 390 -8.77 -0.21 -1.59
N ALA B 391 -7.60 -0.62 -1.15
CA ALA B 391 -7.46 -1.34 0.11
C ALA B 391 -8.02 -0.51 1.32
N HIS B 392 -7.72 0.77 1.35
CA HIS B 392 -8.27 1.66 2.39
C HIS B 392 -9.82 1.72 2.33
N SER B 393 -10.35 1.62 1.12
CA SER B 393 -11.77 1.67 0.91
C SER B 393 -12.44 0.50 1.56
N LYS B 394 -11.87 -0.67 1.35
CA LYS B 394 -12.46 -1.87 1.90
C LYS B 394 -12.30 -1.89 3.38
N ALA B 395 -11.21 -1.32 3.88
CA ALA B 395 -11.01 -1.25 5.32
C ALA B 395 -12.11 -0.41 5.96
N GLN B 396 -12.43 0.73 5.32
CA GLN B 396 -13.47 1.64 5.85
C GLN B 396 -14.82 0.93 5.85
N GLU B 397 -15.17 0.23 4.77
CA GLU B 397 -16.43 -0.55 4.76
C GLU B 397 -16.36 -1.60 5.85
N ASP B 398 -15.27 -2.37 5.93
CA ASP B 398 -15.30 -3.39 6.95
C ASP B 398 -15.31 -2.85 8.40
N ALA B 399 -14.54 -1.82 8.65
CA ALA B 399 -14.38 -1.32 10.02
C ALA B 399 -15.69 -0.88 10.63
N TRP B 400 -16.55 -0.32 9.78
CA TRP B 400 -17.82 0.18 10.18
C TRP B 400 -18.73 -0.94 10.64
N LYS B 401 -18.77 -2.04 9.88
CA LYS B 401 -19.51 -3.20 10.34
C LYS B 401 -18.97 -3.72 11.68
N GLN B 402 -17.66 -3.76 11.82
CA GLN B 402 -17.05 -4.27 13.03
C GLN B 402 -17.41 -3.40 14.20
N ILE B 403 -17.35 -2.09 13.99
CA ILE B 403 -17.69 -1.14 15.04
C ILE B 403 -19.14 -1.33 15.44
N LEU B 404 -20.01 -1.48 14.46
CA LEU B 404 -21.42 -1.64 14.77
C LEU B 404 -21.63 -2.93 15.56
N ALA B 405 -21.05 -4.05 15.11
CA ALA B 405 -21.27 -5.33 15.78
C ALA B 405 -20.75 -5.32 17.25
N PHE B 406 -19.60 -4.68 17.45
CA PHE B 406 -18.98 -4.61 18.76
C PHE B 406 -19.86 -3.83 19.73
N PHE B 407 -20.35 -2.68 19.29
CA PHE B 407 -21.21 -1.88 20.15
C PHE B 407 -22.57 -2.52 20.33
N CYS B 408 -23.11 -3.16 19.31
CA CYS B 408 -24.39 -3.88 19.47
C CYS B 408 -24.32 -4.95 20.54
N LYS B 409 -23.26 -5.73 20.50
CA LYS B 409 -22.99 -6.76 21.49
C LYS B 409 -22.79 -6.21 22.91
N HIS B 410 -21.95 -5.20 23.06
CA HIS B 410 -21.59 -4.78 24.43
C HIS B 410 -22.47 -3.72 25.09
N LEU B 411 -23.34 -3.05 24.33
CA LEU B 411 -24.24 -2.02 24.90
C LEU B 411 -25.70 -2.48 24.86
#